data_8GQW
#
_entry.id   8GQW
#
_cell.length_a   48.626
_cell.length_b   98.458
_cell.length_c   166.233
_cell.angle_alpha   90.000
_cell.angle_beta   90.000
_cell.angle_gamma   90.000
#
_symmetry.space_group_name_H-M   'P 21 21 21'
#
loop_
_entity.id
_entity.type
_entity.pdbx_description
1 polymer 'MHC class I antigen'
2 polymer 'beta 2 microglobulin'
3 polymer Hu64
4 water water
#
loop_
_entity_poly.entity_id
_entity_poly.type
_entity_poly.pdbx_seq_one_letter_code
_entity_poly.pdbx_strand_id
1 'polypeptide(L)'
;GPHSLSYSYTAVSRPDRGDSRFFIVGYVDDTQFVRFDSDAPNAKMEPRAQWIQQEGQEYWDRETQISKETAQNYRVDLNT
LRGYYNQSEAGSRTIQRVYGCYLGPDGLLLRGYRQDAYDGADYIALNEDLRSWTAADMAAQITKRKWEVVNEAEGERSYL
QGRCVEWLQKYLVMGKDTLQRAEPPKTHVTRHPSSDLGVTLRCWALGFYPKEISLSWQREGQDQSQDMELVETRPSGDGT
FQKWAALVVPPGEEQSYTCHVQHEGLQEPLTLRWD
;
A,D
2 'polypeptide(L)'
;VARPPKVQVYSRHPAENGKPNYLNCYVSGFHPPQIEIDLLKNGEKMNAEQSDLSFSKDWSFYLLVHTEFTPNAVDQYSCR
VKHVTLDKPKIVKWDRDH
;
B,E
3 'polypeptide(L)' ALLRTATYY C,F
#
# COMPACT_ATOMS: atom_id res chain seq x y z
N GLY A 1 24.15 -21.00 -5.09
CA GLY A 1 24.59 -19.99 -6.03
C GLY A 1 26.07 -19.68 -5.91
N PRO A 2 26.57 -18.73 -6.71
CA PRO A 2 27.94 -18.24 -6.55
C PRO A 2 28.09 -17.43 -5.26
N HIS A 3 29.19 -17.67 -4.55
CA HIS A 3 29.44 -17.03 -3.26
C HIS A 3 29.81 -15.55 -3.37
N SER A 4 29.63 -14.82 -2.27
CA SER A 4 29.86 -13.38 -2.26
C SER A 4 30.36 -12.91 -0.90
N LEU A 5 31.34 -12.00 -0.93
CA LEU A 5 31.75 -11.25 0.25
C LEU A 5 31.23 -9.82 0.11
N SER A 6 30.56 -9.32 1.13
CA SER A 6 29.95 -7.98 1.07
C SER A 6 30.12 -7.21 2.37
N TYR A 7 30.11 -5.88 2.27
CA TYR A 7 30.18 -5.01 3.43
C TYR A 7 29.12 -3.92 3.32
N SER A 8 28.47 -3.62 4.44
CA SER A 8 27.46 -2.59 4.47
C SER A 8 27.89 -1.47 5.40
N TYR A 9 27.91 -0.24 4.88
CA TYR A 9 28.24 0.91 5.71
C TYR A 9 26.97 1.70 5.96
N THR A 10 26.85 2.21 7.18
CA THR A 10 25.73 3.07 7.54
C THR A 10 26.29 4.23 8.33
N ALA A 11 26.13 5.43 7.79
CA ALA A 11 26.60 6.63 8.45
C ALA A 11 25.38 7.50 8.76
N VAL A 12 25.14 7.74 10.03
CA VAL A 12 23.99 8.54 10.44
C VAL A 12 24.49 9.74 11.25
N SER A 13 24.12 10.93 10.78
CA SER A 13 24.52 12.15 11.44
C SER A 13 23.64 12.37 12.65
N ARG A 14 24.20 13.00 13.67
CA ARG A 14 23.42 13.29 14.87
C ARG A 14 23.54 14.75 15.26
N PRO A 15 22.98 15.66 14.43
CA PRO A 15 23.07 17.09 14.77
C PRO A 15 22.18 17.39 15.96
N ASP A 16 22.80 17.45 17.14
CA ASP A 16 22.14 17.31 18.43
C ASP A 16 23.33 17.25 19.37
N ARG A 17 24.03 16.12 19.32
CA ARG A 17 25.44 16.04 19.70
C ARG A 17 26.12 16.61 18.47
N GLY A 18 27.42 16.85 18.51
CA GLY A 18 28.07 17.35 17.31
C GLY A 18 28.60 16.26 16.41
N ASP A 19 28.09 15.04 16.57
CA ASP A 19 28.75 13.88 15.96
C ASP A 19 27.94 13.11 14.93
N SER A 20 28.32 11.85 14.75
CA SER A 20 27.68 10.95 13.83
C SER A 20 28.01 9.54 14.31
N ARG A 21 27.28 8.55 13.80
CA ARG A 21 27.54 7.17 14.17
C ARG A 21 27.84 6.37 12.91
N PHE A 22 28.69 5.35 13.04
CA PHE A 22 29.11 4.60 11.86
C PHE A 22 29.08 3.09 12.09
N PHE A 23 28.41 2.39 11.18
CA PHE A 23 28.25 0.95 11.27
C PHE A 23 28.88 0.25 10.09
N ILE A 24 29.54 -0.87 10.36
CA ILE A 24 29.95 -1.80 9.32
C ILE A 24 29.48 -3.18 9.72
N VAL A 25 28.91 -3.92 8.77
CA VAL A 25 28.65 -5.33 8.98
C VAL A 25 29.23 -6.07 7.77
N GLY A 26 29.94 -7.16 8.04
CA GLY A 26 30.47 -7.98 6.97
C GLY A 26 29.69 -9.26 6.76
N TYR A 27 29.42 -9.58 5.51
CA TYR A 27 28.74 -10.80 5.12
C TYR A 27 29.52 -11.65 4.13
N VAL A 28 29.54 -12.97 4.36
CA VAL A 28 29.81 -13.91 3.30
C VAL A 28 28.49 -14.60 3.00
N ASP A 29 28.00 -14.41 1.78
CA ASP A 29 26.63 -14.77 1.42
C ASP A 29 25.61 -14.14 2.38
N ASP A 30 24.85 -14.96 3.11
CA ASP A 30 23.88 -14.42 4.06
C ASP A 30 24.33 -14.63 5.50
N THR A 31 25.63 -14.82 5.71
CA THR A 31 26.14 -15.02 7.05
C THR A 31 27.01 -13.84 7.49
N GLN A 32 26.55 -13.12 8.52
CA GLN A 32 27.33 -12.07 9.16
C GLN A 32 28.56 -12.64 9.88
N PHE A 33 29.72 -12.04 9.67
CA PHE A 33 30.96 -12.50 10.31
C PHE A 33 31.81 -11.45 11.04
N VAL A 34 31.67 -10.18 10.66
CA VAL A 34 32.33 -9.08 11.38
C VAL A 34 31.41 -7.87 11.56
N ARG A 35 31.74 -7.01 12.53
CA ARG A 35 30.98 -5.79 12.76
C ARG A 35 31.83 -4.67 13.37
N PHE A 36 31.39 -3.44 13.15
CA PHE A 36 32.05 -2.26 13.71
C PHE A 36 30.98 -1.25 14.10
N ASP A 37 31.16 -0.63 15.26
CA ASP A 37 30.23 0.38 15.73
C ASP A 37 31.06 1.50 16.35
N SER A 38 31.00 2.68 15.76
CA SER A 38 31.82 3.81 16.21
C SER A 38 31.43 4.27 17.62
N ASP A 39 30.22 3.92 18.04
CA ASP A 39 29.71 4.33 19.35
C ASP A 39 30.05 3.30 20.43
N ALA A 40 30.74 2.24 20.05
CA ALA A 40 31.17 1.23 21.01
C ALA A 40 32.39 1.75 21.77
N PRO A 41 32.52 1.36 23.06
CA PRO A 41 33.66 1.83 23.86
C PRO A 41 34.99 1.31 23.30
N ASN A 42 35.91 2.25 23.00
CA ASN A 42 37.18 1.94 22.34
C ASN A 42 36.92 1.03 21.14
N ALA A 43 36.19 1.56 20.17
CA ALA A 43 35.59 0.77 19.10
C ALA A 43 36.58 0.09 18.16
N LYS A 44 36.42 -1.21 17.98
CA LYS A 44 37.19 -1.94 16.97
C LYS A 44 36.34 -2.95 16.17
N MET A 45 36.90 -3.46 15.07
CA MET A 45 36.24 -4.49 14.29
C MET A 45 36.24 -5.78 15.09
N GLU A 46 35.08 -6.46 15.16
CA GLU A 46 34.92 -7.63 16.02
C GLU A 46 34.39 -8.84 15.25
N PRO A 47 34.83 -10.05 15.64
CA PRO A 47 34.31 -11.31 15.07
C PRO A 47 32.85 -11.50 15.44
N ARG A 48 32.06 -12.02 14.50
CA ARG A 48 30.64 -12.24 14.69
C ARG A 48 30.23 -13.62 14.20
N ALA A 49 31.24 -14.46 14.00
CA ALA A 49 31.05 -15.84 13.58
C ALA A 49 32.22 -16.62 14.13
N GLN A 50 31.93 -17.84 14.59
CA GLN A 50 32.93 -18.66 15.27
C GLN A 50 34.18 -18.89 14.40
N TRP A 51 33.97 -19.01 13.09
CA TRP A 51 35.05 -19.34 12.17
C TRP A 51 36.01 -18.20 11.82
N ILE A 52 35.63 -16.96 12.11
CA ILE A 52 36.53 -15.82 11.86
C ILE A 52 37.42 -15.53 13.09
N GLN A 53 37.01 -16.01 14.26
CA GLN A 53 37.73 -15.79 15.51
C GLN A 53 39.19 -16.21 15.49
N GLN A 54 39.53 -17.13 14.59
CA GLN A 54 40.88 -17.67 14.53
C GLN A 54 41.88 -16.72 13.89
N GLU A 55 41.39 -15.57 13.42
CA GLU A 55 42.27 -14.57 12.82
C GLU A 55 43.15 -13.90 13.86
N GLY A 56 44.38 -13.60 13.48
CA GLY A 56 45.34 -12.99 14.39
C GLY A 56 45.11 -11.50 14.56
N GLN A 57 45.75 -10.93 15.59
CA GLN A 57 45.57 -9.52 15.93
C GLN A 57 45.96 -8.60 14.77
N GLU A 58 46.86 -9.10 13.92
CA GLU A 58 47.34 -8.39 12.76
C GLU A 58 46.19 -8.17 11.77
N TYR A 59 45.26 -9.11 11.72
CA TYR A 59 44.06 -9.00 10.89
C TYR A 59 43.12 -7.97 11.51
N TRP A 60 42.88 -8.08 12.80
CA TRP A 60 41.92 -7.23 13.48
C TRP A 60 42.39 -5.77 13.59
N ASP A 61 43.69 -5.56 13.73
CA ASP A 61 44.24 -4.21 13.77
C ASP A 61 44.03 -3.51 12.43
N ARG A 62 44.24 -4.23 11.33
CA ARG A 62 44.04 -3.67 10.00
C ARG A 62 42.59 -3.27 9.72
N GLU A 63 41.66 -4.17 10.01
CA GLU A 63 40.26 -3.89 9.74
C GLU A 63 39.77 -2.77 10.64
N THR A 64 40.28 -2.75 11.88
CA THR A 64 39.93 -1.70 12.83
C THR A 64 40.44 -0.34 12.34
N GLN A 65 41.69 -0.31 11.87
CA GLN A 65 42.27 0.91 11.33
C GLN A 65 41.46 1.45 10.16
N ILE A 66 41.11 0.56 9.22
CA ILE A 66 40.34 0.95 8.05
C ILE A 66 38.93 1.41 8.43
N SER A 67 38.35 0.79 9.44
CA SER A 67 37.01 1.18 9.91
C SER A 67 36.99 2.62 10.42
N LYS A 68 38.00 2.99 11.19
CA LYS A 68 38.07 4.30 11.82
C LYS A 68 38.45 5.42 10.83
N GLU A 69 39.28 5.09 9.85
CA GLU A 69 39.62 6.03 8.79
C GLU A 69 38.36 6.33 7.98
N THR A 70 37.60 5.28 7.72
CA THR A 70 36.37 5.41 6.95
C THR A 70 35.31 6.15 7.78
N ALA A 71 35.24 5.83 9.07
CA ALA A 71 34.30 6.50 9.97
C ALA A 71 34.56 7.99 10.06
N GLN A 72 35.83 8.37 10.03
CA GLN A 72 36.21 9.78 10.09
C GLN A 72 35.86 10.53 8.80
N ASN A 73 36.10 9.90 7.64
CA ASN A 73 35.70 10.49 6.37
C ASN A 73 34.19 10.78 6.29
N TYR A 74 33.39 9.80 6.70
CA TYR A 74 31.94 9.91 6.64
C TYR A 74 31.39 11.00 7.56
N ARG A 75 32.16 11.38 8.56
CA ARG A 75 31.80 12.49 9.43
C ARG A 75 31.66 13.76 8.57
N VAL A 76 32.63 14.00 7.69
CA VAL A 76 32.54 15.11 6.75
C VAL A 76 31.54 14.87 5.58
N ASP A 77 31.54 13.66 5.02
CA ASP A 77 30.65 13.28 3.94
C ASP A 77 29.18 13.61 4.19
N LEU A 78 28.73 13.39 5.43
CA LEU A 78 27.36 13.74 5.81
C LEU A 78 27.11 15.24 5.63
N ASN A 79 28.05 16.06 6.10
CA ASN A 79 27.96 17.51 5.97
C ASN A 79 27.97 17.94 4.51
N THR A 80 28.73 17.21 3.70
CA THR A 80 28.87 17.53 2.28
C THR A 80 27.58 17.30 1.51
N LEU A 81 26.97 16.13 1.70
CA LEU A 81 25.71 15.84 1.01
C LEU A 81 24.61 16.78 1.50
N ARG A 82 24.66 17.14 2.79
CA ARG A 82 23.72 18.11 3.34
C ARG A 82 23.81 19.42 2.55
N GLY A 83 25.05 19.86 2.31
CA GLY A 83 25.29 21.07 1.55
C GLY A 83 24.90 20.92 0.09
N TYR A 84 25.08 19.70 -0.44
CA TYR A 84 24.71 19.41 -1.82
C TYR A 84 23.21 19.61 -2.03
N TYR A 85 22.42 19.25 -1.02
CA TYR A 85 20.97 19.31 -1.13
C TYR A 85 20.37 20.55 -0.45
N ASN A 86 21.24 21.46 -0.03
CA ASN A 86 20.85 22.69 0.66
C ASN A 86 19.84 22.40 1.77
N GLN A 87 20.21 21.46 2.66
CA GLN A 87 19.34 21.02 3.72
C GLN A 87 19.75 21.68 5.03
N SER A 88 18.80 21.79 5.96
CA SER A 88 19.11 22.39 7.26
C SER A 88 20.08 21.48 8.00
N GLU A 89 20.76 22.06 8.99
CA GLU A 89 21.75 21.34 9.76
C GLU A 89 21.19 20.77 11.07
N ALA A 90 19.86 20.65 11.11
CA ALA A 90 19.17 20.20 12.32
C ALA A 90 18.81 18.72 12.33
N GLY A 91 18.45 18.17 11.18
CA GLY A 91 17.95 16.81 11.09
C GLY A 91 18.98 15.71 10.93
N SER A 92 18.73 14.56 11.57
CA SER A 92 19.58 13.39 11.38
C SER A 92 19.35 12.75 10.01
N ARG A 93 20.45 12.53 9.28
CA ARG A 93 20.39 11.98 7.93
C ARG A 93 21.28 10.75 7.81
N THR A 94 21.10 9.97 6.74
CA THR A 94 21.83 8.72 6.60
C THR A 94 22.42 8.48 5.20
N ILE A 95 23.67 8.02 5.18
CA ILE A 95 24.29 7.53 3.96
C ILE A 95 24.56 6.04 4.14
N GLN A 96 24.22 5.25 3.11
CA GLN A 96 24.46 3.81 3.15
C GLN A 96 25.30 3.38 1.95
N ARG A 97 26.11 2.35 2.15
CA ARG A 97 26.97 1.85 1.10
C ARG A 97 27.11 0.33 1.15
N VAL A 98 26.99 -0.32 -0.01
CA VAL A 98 27.18 -1.76 -0.13
C VAL A 98 28.14 -1.99 -1.27
N TYR A 99 29.08 -2.89 -1.05
CA TYR A 99 30.02 -3.27 -2.09
C TYR A 99 30.49 -4.70 -1.83
N GLY A 100 30.94 -5.38 -2.88
CA GLY A 100 31.41 -6.72 -2.71
C GLY A 100 31.75 -7.43 -4.01
N CYS A 101 32.14 -8.69 -3.88
CA CYS A 101 32.59 -9.48 -5.01
C CYS A 101 31.88 -10.83 -5.06
N TYR A 102 31.54 -11.28 -6.26
CA TYR A 102 31.05 -12.64 -6.45
C TYR A 102 32.16 -13.51 -7.02
N LEU A 103 32.24 -14.74 -6.53
CA LEU A 103 33.30 -15.65 -6.90
C LEU A 103 32.87 -16.47 -8.12
N GLY A 104 33.74 -16.52 -9.12
CA GLY A 104 33.45 -17.28 -10.33
C GLY A 104 33.98 -18.69 -10.18
N PRO A 105 33.60 -19.57 -11.13
CA PRO A 105 33.96 -20.99 -11.04
C PRO A 105 35.45 -21.21 -11.26
N ASP A 106 36.11 -20.21 -11.83
CA ASP A 106 37.54 -20.26 -12.09
C ASP A 106 38.37 -19.68 -10.93
N GLY A 107 37.70 -19.27 -9.87
CA GLY A 107 38.36 -18.63 -8.74
C GLY A 107 38.72 -17.18 -9.01
N LEU A 108 38.09 -16.58 -10.02
CA LEU A 108 38.27 -15.16 -10.31
C LEU A 108 36.97 -14.39 -10.14
N LEU A 109 37.07 -13.06 -10.10
CA LEU A 109 35.90 -12.19 -10.01
C LEU A 109 34.85 -12.50 -11.07
N LEU A 110 33.66 -12.90 -10.59
CA LEU A 110 32.51 -13.08 -11.48
C LEU A 110 31.87 -11.71 -11.76
N ARG A 111 31.52 -11.01 -10.68
CA ARG A 111 30.98 -9.67 -10.79
C ARG A 111 31.30 -8.86 -9.53
N GLY A 112 31.62 -7.58 -9.71
CA GLY A 112 31.90 -6.70 -8.59
C GLY A 112 30.94 -5.53 -8.62
N TYR A 113 30.68 -4.93 -7.45
CA TYR A 113 29.66 -3.88 -7.37
C TYR A 113 29.90 -2.93 -6.21
N ARG A 114 29.41 -1.70 -6.37
CA ARG A 114 29.27 -0.75 -5.27
C ARG A 114 28.07 0.15 -5.52
N GLN A 115 27.24 0.35 -4.50
CA GLN A 115 26.11 1.26 -4.62
C GLN A 115 25.92 2.04 -3.33
N ASP A 116 25.54 3.31 -3.47
CA ASP A 116 25.40 4.19 -2.33
C ASP A 116 24.01 4.83 -2.34
N ALA A 117 23.49 5.09 -1.15
CA ALA A 117 22.17 5.71 -1.00
C ALA A 117 22.23 6.84 0.01
N TYR A 118 21.44 7.88 -0.22
CA TYR A 118 21.34 8.99 0.73
C TYR A 118 19.89 9.18 1.16
N ASP A 119 19.67 9.09 2.47
CA ASP A 119 18.34 9.24 3.06
C ASP A 119 17.34 8.23 2.49
N GLY A 120 17.83 7.08 2.06
CA GLY A 120 16.96 6.00 1.61
C GLY A 120 16.80 5.94 0.10
N ALA A 121 17.42 6.88 -0.61
CA ALA A 121 17.27 6.94 -2.05
C ALA A 121 18.60 6.65 -2.74
N ASP A 122 18.52 5.90 -3.84
CA ASP A 122 19.69 5.61 -4.67
C ASP A 122 20.48 6.89 -4.96
N TYR A 123 21.79 6.84 -4.74
CA TYR A 123 22.61 8.03 -4.92
C TYR A 123 23.60 7.84 -6.07
N ILE A 124 24.56 6.96 -5.88
CA ILE A 124 25.56 6.69 -6.91
C ILE A 124 25.88 5.20 -6.94
N ALA A 125 26.36 4.72 -8.09
CA ALA A 125 26.66 3.31 -8.27
C ALA A 125 27.84 3.11 -9.22
N LEU A 126 28.64 2.09 -8.94
CA LEU A 126 29.74 1.71 -9.81
C LEU A 126 29.19 0.79 -10.90
N ASN A 127 29.59 1.04 -12.15
CA ASN A 127 29.09 0.25 -13.28
C ASN A 127 29.76 -1.12 -13.34
N GLU A 128 29.09 -2.07 -14.00
CA GLU A 128 29.60 -3.44 -14.11
C GLU A 128 31.03 -3.51 -14.63
N ASP A 129 31.37 -2.61 -15.55
CA ASP A 129 32.71 -2.56 -16.12
C ASP A 129 33.76 -2.13 -15.09
N LEU A 130 33.29 -1.58 -13.96
CA LEU A 130 34.14 -1.23 -12.82
C LEU A 130 35.13 -0.12 -13.16
N ARG A 131 34.79 0.70 -14.15
CA ARG A 131 35.69 1.76 -14.60
C ARG A 131 34.93 3.08 -14.71
N SER A 132 33.67 3.06 -14.31
CA SER A 132 32.80 4.21 -14.48
C SER A 132 31.67 4.19 -13.46
N TRP A 133 31.03 5.34 -13.27
CA TRP A 133 30.00 5.50 -12.28
C TRP A 133 28.70 5.97 -12.92
N THR A 134 27.58 5.66 -12.29
CA THR A 134 26.30 6.21 -12.71
C THR A 134 25.72 6.98 -11.52
N ALA A 135 25.40 8.25 -11.77
CA ALA A 135 24.83 9.13 -10.75
C ALA A 135 23.33 9.29 -10.95
N ALA A 136 22.57 9.34 -9.85
CA ALA A 136 21.12 9.41 -9.95
C ALA A 136 20.58 10.84 -10.05
N ASP A 137 21.38 11.82 -9.64
CA ASP A 137 20.97 13.22 -9.69
C ASP A 137 22.17 14.19 -9.73
N MET A 138 21.93 15.45 -9.40
CA MET A 138 22.95 16.50 -9.52
C MET A 138 24.01 16.37 -8.45
N ALA A 139 23.55 16.20 -7.22
CA ALA A 139 24.44 16.03 -6.08
C ALA A 139 25.41 14.90 -6.34
N ALA A 140 24.88 13.76 -6.79
CA ALA A 140 25.72 12.61 -7.04
C ALA A 140 26.69 12.83 -8.20
N GLN A 141 26.41 13.82 -9.05
CA GLN A 141 27.26 14.08 -10.20
C GLN A 141 28.51 14.87 -9.77
N ILE A 142 28.34 15.71 -8.75
CA ILE A 142 29.47 16.39 -8.13
C ILE A 142 30.38 15.32 -7.56
N THR A 143 29.78 14.40 -6.81
CA THR A 143 30.51 13.28 -6.21
C THR A 143 31.12 12.39 -7.28
N LYS A 144 30.41 12.21 -8.38
CA LYS A 144 30.89 11.35 -9.46
C LYS A 144 32.14 11.94 -10.08
N ARG A 145 32.17 13.26 -10.23
CA ARG A 145 33.29 13.89 -10.90
C ARG A 145 34.54 13.88 -10.01
N LYS A 146 34.34 14.07 -8.70
CA LYS A 146 35.46 13.96 -7.75
C LYS A 146 36.13 12.60 -7.85
N TRP A 147 35.33 11.55 -7.90
CA TRP A 147 35.84 10.18 -7.95
C TRP A 147 36.46 9.86 -9.31
N GLU A 148 36.10 10.63 -10.32
CA GLU A 148 36.70 10.50 -11.64
C GLU A 148 38.07 11.18 -11.62
N VAL A 149 38.13 12.33 -10.93
CA VAL A 149 39.35 13.13 -10.86
C VAL A 149 40.49 12.42 -10.13
N VAL A 150 40.13 11.57 -9.17
CA VAL A 150 41.14 10.83 -8.40
C VAL A 150 41.16 9.35 -8.75
N ASN A 151 40.34 8.98 -9.74
CA ASN A 151 40.27 7.61 -10.23
C ASN A 151 39.97 6.59 -9.13
N GLU A 152 38.95 6.89 -8.33
CA GLU A 152 38.50 5.98 -7.29
C GLU A 152 38.20 4.58 -7.81
N ALA A 153 37.62 4.51 -9.00
CA ALA A 153 37.21 3.24 -9.58
C ALA A 153 38.34 2.22 -9.71
N GLU A 154 39.55 2.71 -9.99
CA GLU A 154 40.68 1.81 -10.24
C GLU A 154 41.17 1.15 -8.94
N GLY A 155 41.08 1.89 -7.83
CA GLY A 155 41.35 1.33 -6.53
C GLY A 155 40.29 0.30 -6.17
N GLU A 156 39.03 0.64 -6.41
CA GLU A 156 37.92 -0.29 -6.22
C GLU A 156 38.11 -1.55 -7.07
N ARG A 157 38.47 -1.37 -8.33
CA ARG A 157 38.61 -2.50 -9.26
C ARG A 157 39.75 -3.44 -8.89
N SER A 158 40.88 -2.88 -8.49
CA SER A 158 42.03 -3.71 -8.10
C SER A 158 41.68 -4.50 -6.85
N TYR A 159 40.91 -3.86 -5.96
CA TYR A 159 40.39 -4.54 -4.77
C TYR A 159 39.48 -5.71 -5.14
N LEU A 160 38.47 -5.42 -5.96
CA LEU A 160 37.44 -6.39 -6.29
C LEU A 160 37.98 -7.60 -7.04
N GLN A 161 38.87 -7.36 -8.00
CA GLN A 161 39.45 -8.44 -8.81
C GLN A 161 40.54 -9.22 -8.06
N GLY A 162 41.00 -8.68 -6.93
CA GLY A 162 42.09 -9.29 -6.20
C GLY A 162 41.78 -9.63 -4.76
N ARG A 163 42.12 -8.71 -3.87
CA ARG A 163 41.94 -8.86 -2.43
C ARG A 163 40.56 -9.36 -2.00
N CYS A 164 39.51 -8.85 -2.66
CA CYS A 164 38.14 -9.21 -2.29
C CYS A 164 37.84 -10.69 -2.51
N VAL A 165 38.11 -11.18 -3.71
CA VAL A 165 37.87 -12.59 -4.02
C VAL A 165 38.82 -13.55 -3.31
N GLU A 166 40.02 -13.06 -2.97
CA GLU A 166 41.02 -13.87 -2.29
C GLU A 166 40.62 -14.17 -0.85
N TRP A 167 40.21 -13.12 -0.13
CA TRP A 167 39.73 -13.27 1.24
C TRP A 167 38.44 -14.07 1.29
N LEU A 168 37.60 -13.87 0.28
CA LEU A 168 36.36 -14.62 0.12
C LEU A 168 36.61 -16.13 0.09
N GLN A 169 37.54 -16.55 -0.77
CA GLN A 169 38.00 -17.93 -0.82
C GLN A 169 38.45 -18.45 0.54
N LYS A 170 39.24 -17.65 1.25
CA LYS A 170 39.70 -18.02 2.59
C LYS A 170 38.55 -18.19 3.58
N TYR A 171 37.62 -17.23 3.59
CA TYR A 171 36.46 -17.30 4.49
C TYR A 171 35.61 -18.53 4.21
N LEU A 172 35.48 -18.88 2.93
CA LEU A 172 34.73 -20.06 2.53
C LEU A 172 35.38 -21.33 3.09
N VAL A 173 36.71 -21.31 3.15
CA VAL A 173 37.46 -22.39 3.79
C VAL A 173 37.32 -22.41 5.31
N MET A 174 37.58 -21.27 5.94
CA MET A 174 37.48 -21.14 7.39
C MET A 174 36.12 -21.59 7.93
N GLY A 175 35.05 -21.25 7.22
CA GLY A 175 33.71 -21.62 7.63
C GLY A 175 33.00 -22.58 6.69
N LYS A 176 33.73 -23.52 6.11
CA LYS A 176 33.17 -24.40 5.07
C LYS A 176 31.99 -25.28 5.52
N ASP A 177 31.99 -25.66 6.79
CA ASP A 177 30.96 -26.57 7.29
C ASP A 177 29.66 -25.89 7.73
N THR A 178 29.62 -24.57 7.60
CA THR A 178 28.41 -23.81 7.89
C THR A 178 28.07 -23.02 6.62
N LEU A 179 29.08 -22.44 5.99
CA LEU A 179 28.88 -21.67 4.76
C LEU A 179 28.56 -22.54 3.54
N GLN A 180 29.28 -23.64 3.41
CA GLN A 180 29.39 -24.34 2.15
C GLN A 180 28.59 -25.60 1.97
N ARG A 181 27.98 -26.06 3.04
CA ARG A 181 27.10 -27.19 3.01
C ARG A 181 25.72 -26.66 3.27
N ALA A 182 24.74 -27.19 2.57
CA ALA A 182 23.37 -26.74 2.68
C ALA A 182 22.70 -27.38 3.84
N GLU A 183 21.88 -26.65 4.54
CA GLU A 183 21.22 -27.21 5.73
C GLU A 183 19.74 -27.39 5.44
N PRO A 184 19.27 -28.64 5.40
CA PRO A 184 17.87 -28.90 5.06
C PRO A 184 16.91 -28.47 6.16
N PRO A 185 15.70 -28.02 5.78
CA PRO A 185 14.69 -27.56 6.74
C PRO A 185 14.08 -28.71 7.53
N LYS A 186 13.76 -28.46 8.79
CA LYS A 186 13.04 -29.44 9.59
C LYS A 186 11.56 -29.13 9.41
N THR A 187 10.82 -30.04 8.78
CA THR A 187 9.48 -29.73 8.31
C THR A 187 8.38 -30.51 9.03
N HIS A 188 7.29 -29.83 9.36
CA HIS A 188 6.08 -30.48 9.86
C HIS A 188 4.83 -29.65 9.54
N VAL A 189 3.67 -30.27 9.68
CA VAL A 189 2.40 -29.61 9.39
C VAL A 189 1.53 -29.56 10.64
N THR A 190 0.88 -28.42 10.88
CA THR A 190 -0.04 -28.27 12.01
C THR A 190 -1.45 -27.90 11.53
N ARG A 191 -2.45 -28.22 12.33
CA ARG A 191 -3.84 -27.97 11.96
C ARG A 191 -4.47 -27.02 12.98
N HIS A 192 -5.15 -25.99 12.49
CA HIS A 192 -5.74 -24.97 13.36
C HIS A 192 -7.16 -24.62 12.92
N PRO A 193 -8.17 -25.03 13.71
CA PRO A 193 -9.56 -24.72 13.42
C PRO A 193 -9.93 -23.24 13.54
N SER A 194 -10.82 -22.79 12.67
CA SER A 194 -11.30 -21.41 12.64
C SER A 194 -12.76 -21.37 13.05
N SER A 195 -13.63 -21.57 12.06
CA SER A 195 -15.07 -21.56 12.27
C SER A 195 -15.59 -22.90 11.81
N ASP A 196 -16.88 -22.98 11.50
CA ASP A 196 -17.49 -24.24 11.12
C ASP A 196 -16.93 -24.70 9.78
N LEU A 197 -16.71 -23.75 8.88
CA LEU A 197 -16.31 -24.06 7.51
C LEU A 197 -14.90 -23.56 7.24
N GLY A 198 -14.04 -23.70 8.24
CA GLY A 198 -12.68 -23.23 8.11
C GLY A 198 -11.68 -23.93 9.01
N VAL A 199 -10.73 -24.62 8.41
CA VAL A 199 -9.62 -25.20 9.17
C VAL A 199 -8.30 -24.81 8.49
N THR A 200 -7.38 -24.28 9.28
CA THR A 200 -6.11 -23.80 8.76
C THR A 200 -4.99 -24.83 8.96
N LEU A 201 -4.34 -25.17 7.85
CA LEU A 201 -3.18 -26.05 7.87
C LEU A 201 -1.93 -25.23 7.65
N ARG A 202 -0.90 -25.49 8.44
CA ARG A 202 0.32 -24.70 8.37
C ARG A 202 1.54 -25.58 8.15
N CYS A 203 2.19 -25.40 7.01
CA CYS A 203 3.37 -26.17 6.67
C CYS A 203 4.63 -25.44 7.14
N TRP A 204 5.40 -26.09 8.00
CA TRP A 204 6.56 -25.47 8.62
C TRP A 204 7.89 -25.87 7.96
N ALA A 205 8.78 -24.90 7.81
CA ALA A 205 10.16 -25.13 7.39
C ALA A 205 11.08 -24.39 8.35
N LEU A 206 11.85 -25.13 9.15
CA LEU A 206 12.66 -24.51 10.19
C LEU A 206 14.14 -24.89 10.12
N GLY A 207 15.00 -23.98 10.59
CA GLY A 207 16.43 -24.21 10.69
C GLY A 207 17.17 -24.57 9.41
N PHE A 208 16.77 -23.95 8.29
CA PHE A 208 17.42 -24.23 7.02
C PHE A 208 18.42 -23.15 6.60
N TYR A 209 19.45 -23.55 5.86
CA TYR A 209 20.40 -22.65 5.23
C TYR A 209 20.84 -23.29 3.93
N PRO A 210 20.89 -22.52 2.83
CA PRO A 210 20.66 -21.07 2.71
C PRO A 210 19.20 -20.62 2.86
N LYS A 211 18.96 -19.37 2.51
CA LYS A 211 17.70 -18.68 2.76
C LYS A 211 16.65 -19.05 1.72
N GLU A 212 17.13 -19.45 0.54
CA GLU A 212 16.27 -19.77 -0.59
C GLU A 212 15.54 -21.11 -0.44
N ILE A 213 14.21 -21.06 -0.49
CA ILE A 213 13.36 -22.25 -0.41
C ILE A 213 12.11 -22.05 -1.24
N SER A 214 11.43 -23.15 -1.58
CA SER A 214 10.09 -23.07 -2.14
C SER A 214 9.09 -23.78 -1.24
N LEU A 215 8.00 -23.10 -0.92
CA LEU A 215 6.90 -23.71 -0.20
C LEU A 215 5.62 -23.48 -0.99
N SER A 216 4.95 -24.57 -1.33
CA SER A 216 3.70 -24.48 -2.06
C SER A 216 2.67 -25.44 -1.49
N TRP A 217 1.40 -25.08 -1.67
CA TRP A 217 0.30 -25.97 -1.35
C TRP A 217 -0.34 -26.36 -2.67
N GLN A 218 -0.64 -27.63 -2.82
CA GLN A 218 -1.32 -28.11 -4.02
C GLN A 218 -2.59 -28.81 -3.56
N ARG A 219 -3.64 -28.69 -4.35
CA ARG A 219 -4.85 -29.46 -4.09
C ARG A 219 -4.97 -30.47 -5.20
N GLU A 220 -4.76 -31.74 -4.86
CA GLU A 220 -4.72 -32.83 -5.83
C GLU A 220 -3.92 -32.44 -7.07
N GLY A 221 -2.68 -31.99 -6.84
CA GLY A 221 -1.79 -31.58 -7.91
C GLY A 221 -2.11 -30.22 -8.51
N GLN A 222 -3.02 -29.50 -7.85
CA GLN A 222 -3.43 -28.16 -8.30
C GLN A 222 -3.05 -27.02 -7.36
N ASP A 223 -2.34 -26.05 -7.93
CA ASP A 223 -1.76 -24.94 -7.18
C ASP A 223 -2.78 -24.15 -6.39
N GLN A 224 -2.38 -23.78 -5.18
CA GLN A 224 -3.23 -23.02 -4.27
C GLN A 224 -2.51 -21.77 -3.80
N SER A 225 -1.57 -21.28 -4.60
CA SER A 225 -0.78 -20.10 -4.24
C SER A 225 -1.62 -18.84 -4.15
N GLN A 226 -2.89 -18.93 -4.55
CA GLN A 226 -3.76 -17.75 -4.58
C GLN A 226 -4.36 -17.45 -3.21
N ASP A 227 -4.74 -18.50 -2.48
CA ASP A 227 -5.32 -18.33 -1.15
C ASP A 227 -4.42 -18.94 -0.08
N MET A 228 -3.12 -18.98 -0.38
CA MET A 228 -2.12 -19.49 0.56
C MET A 228 -1.47 -18.34 1.32
N GLU A 229 -1.49 -18.41 2.65
CA GLU A 229 -0.79 -17.43 3.48
C GLU A 229 0.66 -17.84 3.66
N LEU A 230 1.57 -17.03 3.14
CA LEU A 230 2.99 -17.34 3.20
C LEU A 230 3.72 -16.20 3.89
N VAL A 231 4.59 -16.52 4.84
CA VAL A 231 5.34 -15.49 5.54
C VAL A 231 6.73 -15.22 4.99
N GLU A 232 7.20 -14.01 5.26
CA GLU A 232 8.57 -13.61 4.96
C GLU A 232 9.52 -14.53 5.70
N THR A 233 10.54 -15.02 4.99
CA THR A 233 11.57 -15.85 5.61
C THR A 233 12.22 -15.07 6.75
N ARG A 234 12.40 -15.73 7.90
CA ARG A 234 12.90 -15.06 9.09
C ARG A 234 14.09 -15.82 9.68
N PRO A 235 15.03 -15.08 10.30
CA PRO A 235 16.21 -15.69 10.93
C PRO A 235 15.85 -16.50 12.18
N SER A 236 16.52 -17.63 12.37
CA SER A 236 16.28 -18.47 13.54
C SER A 236 16.99 -17.87 14.74
N GLY A 237 18.12 -17.20 14.48
CA GLY A 237 18.94 -16.64 15.53
C GLY A 237 20.26 -17.39 15.64
N ASP A 238 20.46 -18.36 14.75
CA ASP A 238 21.69 -19.15 14.73
C ASP A 238 22.29 -19.28 13.33
N GLY A 239 21.95 -18.36 12.44
CA GLY A 239 22.46 -18.39 11.08
C GLY A 239 21.65 -19.26 10.15
N THR A 240 20.52 -19.75 10.63
CA THR A 240 19.57 -20.51 9.81
C THR A 240 18.25 -19.76 9.73
N PHE A 241 17.29 -20.33 9.00
CA PHE A 241 16.07 -19.59 8.71
C PHE A 241 14.77 -20.36 8.96
N GLN A 242 13.67 -19.62 8.99
CA GLN A 242 12.35 -20.19 9.20
C GLN A 242 11.41 -19.64 8.14
N LYS A 243 10.39 -20.41 7.81
CA LYS A 243 9.31 -19.96 6.93
C LYS A 243 8.15 -20.92 7.10
N TRP A 244 6.93 -20.40 6.97
CA TRP A 244 5.77 -21.26 6.88
C TRP A 244 4.75 -20.84 5.81
N ALA A 245 3.98 -21.82 5.35
CA ALA A 245 2.93 -21.56 4.37
C ALA A 245 1.64 -22.22 4.85
N ALA A 246 0.55 -21.45 4.81
CA ALA A 246 -0.72 -21.93 5.31
C ALA A 246 -1.86 -21.66 4.33
N LEU A 247 -2.94 -22.41 4.48
CA LEU A 247 -4.19 -22.15 3.74
C LEU A 247 -5.36 -22.78 4.47
N VAL A 248 -6.55 -22.21 4.30
CA VAL A 248 -7.75 -22.72 4.96
C VAL A 248 -8.49 -23.73 4.07
N VAL A 249 -8.62 -24.97 4.56
CA VAL A 249 -9.32 -26.02 3.83
C VAL A 249 -10.57 -26.41 4.60
N PRO A 250 -11.50 -27.17 3.97
CA PRO A 250 -12.65 -27.63 4.74
C PRO A 250 -12.26 -28.74 5.70
N PRO A 251 -12.92 -28.81 6.87
CA PRO A 251 -12.65 -29.76 7.97
C PRO A 251 -12.60 -31.23 7.53
N GLY A 252 -13.12 -31.53 6.35
CA GLY A 252 -13.08 -32.88 5.83
C GLY A 252 -11.89 -33.17 4.93
N GLU A 253 -11.35 -32.13 4.32
CA GLU A 253 -10.43 -32.28 3.18
C GLU A 253 -8.95 -32.19 3.53
N GLU A 254 -8.57 -32.53 4.75
CA GLU A 254 -7.17 -32.48 5.17
C GLU A 254 -6.22 -33.26 4.25
N GLN A 255 -6.65 -34.43 3.80
CA GLN A 255 -5.79 -35.32 3.03
C GLN A 255 -5.71 -34.94 1.56
N SER A 256 -6.54 -33.99 1.14
CA SER A 256 -6.63 -33.60 -0.26
C SER A 256 -5.65 -32.47 -0.58
N TYR A 257 -4.92 -32.02 0.44
CA TYR A 257 -3.96 -30.93 0.27
C TYR A 257 -2.57 -31.39 0.68
N THR A 258 -1.57 -31.04 -0.12
CA THR A 258 -0.19 -31.43 0.16
C THR A 258 0.76 -30.23 0.14
N CYS A 259 1.68 -30.20 1.08
CA CYS A 259 2.70 -29.15 1.10
C CYS A 259 3.97 -29.62 0.41
N HIS A 260 4.49 -28.79 -0.48
CA HIS A 260 5.68 -29.16 -1.25
C HIS A 260 6.87 -28.27 -0.89
N VAL A 261 7.90 -28.87 -0.33
CA VAL A 261 9.08 -28.15 0.12
C VAL A 261 10.27 -28.45 -0.78
N GLN A 262 10.93 -27.40 -1.26
CA GLN A 262 12.12 -27.55 -2.09
C GLN A 262 13.22 -26.67 -1.52
N HIS A 263 14.36 -27.29 -1.21
CA HIS A 263 15.51 -26.60 -0.65
C HIS A 263 16.74 -27.42 -1.05
N GLU A 264 17.88 -26.77 -1.25
CA GLU A 264 19.03 -27.49 -1.79
C GLU A 264 19.66 -28.45 -0.77
N GLY A 265 19.27 -28.32 0.50
CA GLY A 265 19.73 -29.24 1.51
C GLY A 265 19.01 -30.57 1.33
N LEU A 266 17.81 -30.48 0.73
CA LEU A 266 17.03 -31.68 0.45
C LEU A 266 17.50 -32.43 -0.80
N GLN A 267 17.57 -33.75 -0.64
CA GLN A 267 18.01 -34.68 -1.66
C GLN A 267 16.95 -34.80 -2.74
N GLU A 268 15.71 -34.98 -2.31
CA GLU A 268 14.56 -34.99 -3.19
C GLU A 268 13.58 -33.99 -2.60
N PRO A 269 12.87 -33.26 -3.47
CA PRO A 269 11.82 -32.35 -2.96
C PRO A 269 10.80 -33.10 -2.12
N LEU A 270 10.22 -32.43 -1.14
CA LEU A 270 9.28 -33.09 -0.22
C LEU A 270 7.82 -32.81 -0.56
N THR A 271 6.99 -33.82 -0.33
CA THR A 271 5.55 -33.66 -0.33
C THR A 271 5.05 -34.02 1.06
N LEU A 272 4.50 -33.04 1.77
CA LEU A 272 4.02 -33.28 3.13
C LEU A 272 2.51 -33.25 3.19
N ARG A 273 1.97 -33.88 4.22
CA ARG A 273 0.54 -33.96 4.38
C ARG A 273 0.24 -34.15 5.86
N TRP A 274 -0.88 -33.59 6.31
CA TRP A 274 -1.23 -33.63 7.72
C TRP A 274 -1.61 -35.04 8.12
N ASP A 275 -1.22 -35.44 9.33
CA ASP A 275 -1.48 -36.79 9.81
C ASP A 275 -2.62 -36.79 10.83
N VAL B 1 12.20 10.03 3.09
CA VAL B 1 11.77 8.65 2.92
C VAL B 1 11.74 7.90 4.25
N ALA B 2 10.54 7.73 4.80
CA ALA B 2 10.39 7.01 6.06
C ALA B 2 9.63 5.71 5.82
N ARG B 3 10.07 4.64 6.47
CA ARG B 3 9.39 3.35 6.36
C ARG B 3 9.16 2.71 7.73
N PRO B 4 7.92 2.25 7.98
CA PRO B 4 7.56 1.58 9.23
C PRO B 4 8.09 0.17 9.36
N PRO B 5 8.43 -0.24 10.59
CA PRO B 5 9.00 -1.57 10.82
C PRO B 5 7.95 -2.64 10.62
N LYS B 6 8.34 -3.75 10.00
CA LYS B 6 7.50 -4.93 10.00
C LYS B 6 7.93 -5.79 11.18
N VAL B 7 6.97 -6.31 11.93
CA VAL B 7 7.30 -7.09 13.12
C VAL B 7 6.86 -8.55 13.00
N GLN B 8 7.76 -9.46 13.39
CA GLN B 8 7.45 -10.88 13.47
C GLN B 8 7.95 -11.41 14.81
N VAL B 9 7.03 -11.99 15.58
CA VAL B 9 7.36 -12.56 16.88
C VAL B 9 7.22 -14.07 16.84
N TYR B 10 8.29 -14.78 17.22
CA TYR B 10 8.33 -16.24 17.12
C TYR B 10 9.39 -16.84 18.02
N SER B 11 9.45 -18.16 18.08
CA SER B 11 10.48 -18.87 18.84
C SER B 11 11.42 -19.57 17.87
N ARG B 12 12.67 -19.78 18.29
CA ARG B 12 13.66 -20.44 17.44
C ARG B 12 13.24 -21.86 17.08
N HIS B 13 12.75 -22.58 18.09
CA HIS B 13 12.25 -23.93 17.89
C HIS B 13 10.78 -23.94 18.28
N PRO B 14 10.02 -24.95 17.81
CA PRO B 14 8.62 -25.11 18.20
C PRO B 14 8.45 -25.05 19.72
N ALA B 15 7.63 -24.09 20.17
CA ALA B 15 7.40 -23.90 21.59
C ALA B 15 6.86 -25.18 22.22
N GLU B 16 7.48 -25.56 23.33
CA GLU B 16 7.12 -26.79 24.03
C GLU B 16 7.31 -26.51 25.51
N ASN B 17 6.19 -26.25 26.17
CA ASN B 17 6.14 -25.88 27.59
C ASN B 17 7.14 -26.62 28.47
N GLY B 18 7.97 -25.86 29.17
CA GLY B 18 8.97 -26.44 30.06
C GLY B 18 10.36 -26.56 29.44
N LYS B 19 10.41 -26.77 28.14
CA LYS B 19 11.69 -26.92 27.44
C LYS B 19 12.22 -25.55 27.03
N PRO B 20 13.49 -25.27 27.35
CA PRO B 20 14.15 -23.97 27.12
C PRO B 20 14.27 -23.61 25.64
N ASN B 21 13.99 -22.35 25.30
CA ASN B 21 13.92 -21.92 23.91
C ASN B 21 14.48 -20.51 23.70
N TYR B 22 14.00 -19.85 22.65
CA TYR B 22 14.51 -18.53 22.29
C TYR B 22 13.38 -17.69 21.73
N LEU B 23 13.08 -16.57 22.38
CA LEU B 23 12.01 -15.69 21.91
C LEU B 23 12.58 -14.62 20.99
N ASN B 24 12.07 -14.56 19.77
CA ASN B 24 12.64 -13.70 18.75
C ASN B 24 11.69 -12.58 18.35
N CYS B 25 12.20 -11.38 18.23
CA CYS B 25 11.44 -10.29 17.62
C CYS B 25 12.24 -9.76 16.45
N TYR B 26 11.80 -10.12 15.25
CA TYR B 26 12.48 -9.74 14.03
C TYR B 26 11.83 -8.49 13.46
N VAL B 27 12.59 -7.40 13.45
CA VAL B 27 12.10 -6.12 12.98
C VAL B 27 12.83 -5.72 11.70
N SER B 28 12.08 -5.41 10.65
CA SER B 28 12.66 -5.17 9.33
C SER B 28 11.86 -4.19 8.46
N GLY B 29 12.43 -3.83 7.32
CA GLY B 29 11.77 -2.96 6.37
C GLY B 29 11.53 -1.54 6.85
N PHE B 30 12.36 -1.05 7.77
CA PHE B 30 12.17 0.30 8.31
C PHE B 30 13.31 1.24 7.94
N HIS B 31 13.01 2.54 7.95
CA HIS B 31 13.98 3.60 7.65
C HIS B 31 13.44 4.88 8.28
N PRO B 32 14.28 5.66 8.98
CA PRO B 32 15.72 5.65 9.31
C PRO B 32 16.09 4.55 10.33
N PRO B 33 17.39 4.45 10.74
CA PRO B 33 17.73 3.28 11.56
C PRO B 33 17.41 3.43 13.05
N GLN B 34 17.14 4.65 13.51
CA GLN B 34 16.83 4.84 14.91
C GLN B 34 15.55 4.08 15.28
N ILE B 35 15.68 3.12 16.19
CA ILE B 35 14.56 2.26 16.56
C ILE B 35 14.69 1.79 18.01
N GLU B 36 13.55 1.45 18.62
CA GLU B 36 13.48 1.05 20.03
C GLU B 36 12.73 -0.27 20.17
N ILE B 37 13.39 -1.31 20.68
CA ILE B 37 12.77 -2.63 20.79
C ILE B 37 12.88 -3.21 22.20
N ASP B 38 11.73 -3.53 22.80
CA ASP B 38 11.68 -4.15 24.11
C ASP B 38 10.91 -5.46 24.04
N LEU B 39 11.43 -6.50 24.69
CA LEU B 39 10.73 -7.77 24.78
C LEU B 39 9.96 -7.79 26.09
N LEU B 40 8.73 -8.33 26.07
CA LEU B 40 7.86 -8.25 27.25
C LEU B 40 7.33 -9.59 27.74
N LYS B 41 7.53 -9.84 29.03
CA LYS B 41 6.97 -10.98 29.73
C LYS B 41 5.84 -10.49 30.62
N ASN B 42 4.60 -10.78 30.22
CA ASN B 42 3.40 -10.29 30.91
C ASN B 42 3.30 -8.76 30.97
N GLY B 43 3.97 -8.08 30.04
CA GLY B 43 3.91 -6.64 29.93
C GLY B 43 5.11 -5.91 30.51
N GLU B 44 6.12 -6.68 30.93
CA GLU B 44 7.32 -6.09 31.53
C GLU B 44 8.59 -6.38 30.73
N LYS B 45 9.40 -5.35 30.54
CA LYS B 45 10.68 -5.47 29.84
C LYS B 45 11.61 -6.50 30.48
N MET B 46 12.44 -7.14 29.66
CA MET B 46 13.39 -8.14 30.13
C MET B 46 14.82 -7.66 29.94
N ASN B 47 15.71 -8.61 29.67
CA ASN B 47 17.10 -8.31 29.33
C ASN B 47 17.48 -9.09 28.07
N ALA B 48 17.72 -8.37 26.97
CA ALA B 48 17.81 -8.99 25.65
C ALA B 48 19.01 -8.49 24.84
N GLU B 49 19.41 -9.28 23.84
CA GLU B 49 20.49 -8.88 22.95
C GLU B 49 19.90 -8.79 21.55
N GLN B 50 20.57 -8.07 20.68
CA GLN B 50 20.12 -7.91 19.30
C GLN B 50 21.25 -8.26 18.35
N SER B 51 20.91 -8.57 17.09
CA SER B 51 21.93 -8.78 16.09
C SER B 51 22.31 -7.40 15.57
N ASP B 52 23.36 -7.32 14.76
CA ASP B 52 23.83 -6.01 14.30
C ASP B 52 22.94 -5.41 13.23
N LEU B 53 22.83 -4.09 13.25
CA LEU B 53 22.03 -3.36 12.27
C LEU B 53 22.52 -3.66 10.86
N SER B 54 21.62 -4.13 10.02
CA SER B 54 21.93 -4.50 8.65
C SER B 54 20.85 -3.92 7.77
N PHE B 55 21.06 -3.94 6.45
CA PHE B 55 20.04 -3.45 5.52
C PHE B 55 19.90 -4.28 4.24
N SER B 56 18.71 -4.25 3.66
CA SER B 56 18.39 -5.03 2.47
C SER B 56 18.80 -4.29 1.21
N LYS B 57 18.47 -4.85 0.05
CA LYS B 57 18.81 -4.23 -1.22
C LYS B 57 18.05 -2.92 -1.41
N ASP B 58 16.84 -2.85 -0.86
CA ASP B 58 16.01 -1.65 -0.99
C ASP B 58 16.36 -0.59 0.05
N TRP B 59 17.48 -0.82 0.75
CA TRP B 59 18.03 0.09 1.76
C TRP B 59 17.31 0.12 3.12
N SER B 60 16.26 -0.67 3.27
CA SER B 60 15.55 -0.72 4.55
C SER B 60 16.29 -1.60 5.56
N PHE B 61 16.16 -1.27 6.85
CA PHE B 61 16.98 -1.86 7.91
C PHE B 61 16.33 -3.06 8.59
N TYR B 62 17.15 -3.97 9.12
CA TYR B 62 16.65 -5.14 9.84
C TYR B 62 17.58 -5.62 10.94
N LEU B 63 16.99 -5.95 12.09
CA LEU B 63 17.74 -6.53 13.21
C LEU B 63 16.88 -7.57 13.94
N LEU B 64 17.54 -8.55 14.56
CA LEU B 64 16.83 -9.52 15.39
C LEU B 64 17.08 -9.22 16.85
N VAL B 65 16.01 -9.08 17.63
CA VAL B 65 16.13 -8.87 19.06
C VAL B 65 15.60 -10.10 19.77
N HIS B 66 16.41 -10.69 20.65
CA HIS B 66 16.09 -11.99 21.22
C HIS B 66 16.64 -12.25 22.63
N THR B 67 15.99 -13.18 23.34
CA THR B 67 16.44 -13.60 24.66
C THR B 67 16.14 -15.08 24.86
N GLU B 68 16.83 -15.70 25.81
CA GLU B 68 16.57 -17.08 26.18
C GLU B 68 15.35 -17.10 27.09
N PHE B 69 14.49 -18.10 26.93
CA PHE B 69 13.32 -18.24 27.79
C PHE B 69 12.79 -19.66 27.84
N THR B 70 11.93 -19.94 28.82
CA THR B 70 11.29 -21.23 28.91
C THR B 70 9.77 -21.08 28.90
N PRO B 71 9.14 -21.52 27.81
CA PRO B 71 7.70 -21.37 27.59
C PRO B 71 6.87 -22.18 28.58
N ASN B 72 5.63 -21.75 28.80
CA ASN B 72 4.68 -22.49 29.61
C ASN B 72 3.25 -22.17 29.19
N ALA B 73 2.28 -22.81 29.85
CA ALA B 73 0.89 -22.57 29.52
C ALA B 73 0.40 -21.27 30.18
N VAL B 74 1.24 -20.70 31.03
CA VAL B 74 0.88 -19.52 31.82
C VAL B 74 1.38 -18.18 31.26
N ASP B 75 2.68 -18.10 30.96
CA ASP B 75 3.31 -16.82 30.62
C ASP B 75 2.91 -16.25 29.26
N GLN B 76 2.65 -14.96 29.23
CA GLN B 76 2.35 -14.24 28.00
C GLN B 76 3.59 -13.45 27.57
N TYR B 77 4.01 -13.61 26.32
CA TYR B 77 5.14 -12.86 25.79
C TYR B 77 4.75 -11.95 24.63
N SER B 78 5.55 -10.92 24.39
CA SER B 78 5.30 -9.98 23.30
C SER B 78 6.50 -9.10 23.02
N CYS B 79 6.41 -8.34 21.93
CA CYS B 79 7.48 -7.43 21.51
C CYS B 79 6.92 -6.03 21.38
N ARG B 80 7.63 -5.05 21.93
CA ARG B 80 7.18 -3.67 21.83
C ARG B 80 8.19 -2.84 21.04
N VAL B 81 7.71 -2.21 19.96
CA VAL B 81 8.59 -1.50 19.04
C VAL B 81 8.17 -0.03 18.92
N LYS B 82 9.16 0.86 19.01
CA LYS B 82 8.91 2.28 18.81
C LYS B 82 9.81 2.83 17.69
N HIS B 83 9.23 3.71 16.87
CA HIS B 83 9.92 4.23 15.70
C HIS B 83 9.22 5.53 15.30
N VAL B 84 9.96 6.43 14.65
CA VAL B 84 9.46 7.76 14.31
C VAL B 84 8.21 7.68 13.42
N THR B 85 8.04 6.53 12.80
CA THR B 85 6.98 6.30 11.84
C THR B 85 5.69 5.86 12.53
N LEU B 86 5.77 5.61 13.84
CA LEU B 86 4.62 5.12 14.59
C LEU B 86 3.97 6.19 15.45
N ASP B 87 2.63 6.22 15.42
CA ASP B 87 1.85 7.09 16.29
C ASP B 87 2.22 6.76 17.73
N LYS B 88 1.96 5.51 18.11
CA LYS B 88 2.28 4.99 19.43
C LYS B 88 3.07 3.70 19.26
N PRO B 89 3.63 3.17 20.37
CA PRO B 89 4.33 1.88 20.28
C PRO B 89 3.46 0.74 19.74
N LYS B 90 4.09 -0.14 18.96
CA LYS B 90 3.42 -1.29 18.37
C LYS B 90 3.78 -2.53 19.16
N ILE B 91 2.81 -3.09 19.88
CA ILE B 91 3.05 -4.33 20.60
C ILE B 91 2.49 -5.50 19.80
N VAL B 92 3.31 -6.53 19.61
CA VAL B 92 2.86 -7.72 18.90
C VAL B 92 3.04 -8.92 19.82
N LYS B 93 1.92 -9.51 20.25
CA LYS B 93 2.00 -10.67 21.12
C LYS B 93 2.58 -11.87 20.39
N TRP B 94 3.17 -12.77 21.16
CA TRP B 94 3.71 -14.01 20.63
C TRP B 94 2.62 -15.06 20.50
N ASP B 95 2.50 -15.61 19.29
CA ASP B 95 1.54 -16.68 19.02
C ASP B 95 2.36 -17.85 18.47
N ARG B 96 2.39 -18.94 19.22
CA ARG B 96 3.24 -20.09 18.90
C ARG B 96 2.78 -20.91 17.71
N ASP B 97 1.73 -20.46 17.04
CA ASP B 97 1.23 -21.12 15.84
C ASP B 97 1.37 -20.16 14.68
N HIS B 98 1.18 -18.87 14.98
CA HIS B 98 1.22 -17.77 14.02
C HIS B 98 -0.03 -17.71 13.14
N ALA C 1 37.99 -9.00 3.94
CA ALA C 1 38.80 -7.83 4.27
C ALA C 1 38.27 -6.56 3.59
N LEU C 2 38.22 -5.48 4.35
CA LEU C 2 37.77 -4.17 3.89
C LEU C 2 38.56 -3.59 2.71
N LEU C 3 37.92 -2.73 1.94
CA LEU C 3 38.62 -1.91 0.95
C LEU C 3 39.20 -0.66 1.61
N ARG C 4 40.49 -0.45 1.39
CA ARG C 4 41.18 0.74 1.86
C ARG C 4 41.09 1.99 0.98
N THR C 5 39.90 2.59 0.88
CA THR C 5 39.78 3.92 0.27
C THR C 5 39.09 4.95 1.17
N ALA C 6 39.58 6.15 1.08
CA ALA C 6 39.00 7.19 1.86
C ALA C 6 38.90 8.38 0.96
N THR C 7 37.88 8.34 0.12
CA THR C 7 37.63 9.31 -0.90
C THR C 7 36.39 10.00 -0.48
N TYR C 8 36.42 11.29 -0.30
CA TYR C 8 35.25 12.03 0.13
C TYR C 8 34.07 12.06 -0.90
N TYR C 9 32.83 12.27 -0.46
CA TYR C 9 31.70 12.48 -1.35
C TYR C 9 31.70 13.90 -1.93
N GLY D 1 -21.36 23.03 5.17
CA GLY D 1 -22.37 23.29 4.15
C GLY D 1 -23.77 22.98 4.64
N PRO D 2 -24.77 23.17 3.76
CA PRO D 2 -26.15 22.77 4.06
C PRO D 2 -26.33 21.26 4.07
N HIS D 3 -27.05 20.73 5.05
CA HIS D 3 -27.26 19.28 5.10
C HIS D 3 -28.26 18.90 4.00
N SER D 4 -28.22 17.64 3.57
CA SER D 4 -29.05 17.19 2.45
C SER D 4 -29.42 15.72 2.56
N LEU D 5 -30.68 15.41 2.24
CA LEU D 5 -31.11 14.04 2.01
C LEU D 5 -31.31 13.85 0.51
N SER D 6 -30.74 12.79 -0.05
CA SER D 6 -30.76 12.58 -1.49
C SER D 6 -31.04 11.12 -1.89
N TYR D 7 -31.63 10.94 -3.07
CA TYR D 7 -31.82 9.59 -3.63
C TYR D 7 -31.45 9.56 -5.11
N SER D 8 -30.76 8.50 -5.51
CA SER D 8 -30.38 8.32 -6.91
C SER D 8 -30.96 7.02 -7.45
N TYR D 9 -31.72 7.10 -8.54
CA TYR D 9 -32.28 5.91 -9.18
C TYR D 9 -31.55 5.64 -10.49
N THR D 10 -31.34 4.36 -10.78
CA THR D 10 -30.75 3.93 -12.04
C THR D 10 -31.50 2.73 -12.61
N ALA D 11 -32.06 2.90 -13.80
CA ALA D 11 -32.80 1.83 -14.45
C ALA D 11 -32.08 1.48 -15.74
N VAL D 12 -31.63 0.23 -15.85
CA VAL D 12 -30.90 -0.22 -17.01
C VAL D 12 -31.62 -1.41 -17.62
N SER D 13 -31.98 -1.30 -18.89
CA SER D 13 -32.66 -2.40 -19.57
C SER D 13 -31.61 -3.43 -19.97
N ARG D 14 -32.02 -4.69 -19.99
CA ARG D 14 -31.10 -5.76 -20.37
C ARG D 14 -31.75 -6.58 -21.47
N PRO D 15 -31.82 -6.01 -22.69
CA PRO D 15 -32.48 -6.65 -23.82
C PRO D 15 -31.68 -7.87 -24.24
N ASP D 16 -32.14 -9.03 -23.78
CA ASP D 16 -31.35 -10.25 -23.71
C ASP D 16 -32.17 -11.19 -22.84
N ARG D 17 -32.24 -10.84 -21.55
CA ARG D 17 -33.33 -11.28 -20.70
C ARG D 17 -34.48 -10.35 -21.06
N GLY D 18 -35.69 -10.66 -20.59
CA GLY D 18 -36.83 -9.80 -20.88
C GLY D 18 -37.00 -8.72 -19.83
N ASP D 19 -35.93 -8.43 -19.10
CA ASP D 19 -36.05 -7.62 -17.89
C ASP D 19 -35.27 -6.31 -17.90
N SER D 20 -35.00 -5.83 -16.69
CA SER D 20 -34.27 -4.60 -16.48
C SER D 20 -33.70 -4.70 -15.08
N ARG D 21 -32.75 -3.83 -14.76
CA ARG D 21 -32.16 -3.82 -13.43
C ARG D 21 -32.38 -2.46 -12.80
N PHE D 22 -32.53 -2.41 -11.48
CA PHE D 22 -32.88 -1.16 -10.82
C PHE D 22 -32.06 -0.94 -9.54
N PHE D 23 -31.44 0.22 -9.45
CA PHE D 23 -30.59 0.57 -8.32
C PHE D 23 -31.16 1.78 -7.59
N ILE D 24 -31.10 1.77 -6.27
CA ILE D 24 -31.35 2.98 -5.48
C ILE D 24 -30.21 3.17 -4.50
N VAL D 25 -29.75 4.41 -4.35
CA VAL D 25 -28.83 4.75 -3.28
C VAL D 25 -29.40 5.96 -2.55
N GLY D 26 -29.40 5.90 -1.22
CA GLY D 26 -29.84 7.02 -0.40
C GLY D 26 -28.63 7.72 0.20
N TYR D 27 -28.64 9.05 0.21
CA TYR D 27 -27.55 9.81 0.79
C TYR D 27 -28.05 10.75 1.86
N VAL D 28 -27.35 10.80 2.99
CA VAL D 28 -27.45 11.93 3.92
C VAL D 28 -26.15 12.71 3.83
N ASP D 29 -26.14 13.96 3.42
CA ASP D 29 -24.92 14.74 3.34
C ASP D 29 -23.71 14.13 2.57
N ASP D 30 -23.85 13.50 1.41
CA ASP D 30 -22.62 12.88 0.91
C ASP D 30 -22.32 11.44 1.35
N THR D 31 -23.06 10.96 2.34
CA THR D 31 -22.85 9.63 2.91
C THR D 31 -23.97 8.66 2.55
N GLN D 32 -23.59 7.58 1.86
CA GLN D 32 -24.48 6.48 1.53
C GLN D 32 -25.04 5.87 2.81
N PHE D 33 -26.36 5.71 2.90
CA PHE D 33 -26.96 5.13 4.09
C PHE D 33 -27.95 3.99 3.83
N VAL D 34 -28.56 3.97 2.65
CA VAL D 34 -29.35 2.82 2.21
C VAL D 34 -29.12 2.56 0.73
N ARG D 35 -29.36 1.32 0.31
CA ARG D 35 -29.27 0.99 -1.12
C ARG D 35 -30.16 -0.21 -1.48
N PHE D 36 -30.54 -0.27 -2.76
CA PHE D 36 -31.43 -1.31 -3.27
C PHE D 36 -30.94 -1.74 -4.65
N ASP D 37 -30.95 -3.05 -4.89
CA ASP D 37 -30.54 -3.62 -6.16
C ASP D 37 -31.51 -4.75 -6.53
N SER D 38 -32.23 -4.58 -7.64
CA SER D 38 -33.26 -5.53 -8.06
C SER D 38 -32.69 -6.90 -8.43
N ASP D 39 -31.39 -6.97 -8.66
CA ASP D 39 -30.75 -8.22 -9.06
C ASP D 39 -30.30 -9.05 -7.87
N ALA D 40 -30.55 -8.54 -6.66
CA ALA D 40 -30.24 -9.31 -5.46
C ALA D 40 -31.37 -10.31 -5.23
N PRO D 41 -31.02 -11.51 -4.75
CA PRO D 41 -32.02 -12.54 -4.43
C PRO D 41 -32.94 -12.03 -3.33
N ASN D 42 -34.25 -12.07 -3.55
CA ASN D 42 -35.22 -11.50 -2.60
C ASN D 42 -34.79 -10.08 -2.24
N ALA D 43 -34.77 -9.21 -3.23
CA ALA D 43 -34.16 -7.88 -3.10
C ALA D 43 -34.94 -7.01 -2.13
N LYS D 44 -34.24 -6.44 -1.15
CA LYS D 44 -34.86 -5.47 -0.25
C LYS D 44 -33.97 -4.23 -0.06
N MET D 45 -34.53 -3.17 0.52
CA MET D 45 -33.73 -2.00 0.84
C MET D 45 -32.78 -2.34 1.97
N GLU D 46 -31.51 -1.95 1.83
CA GLU D 46 -30.49 -2.40 2.75
C GLU D 46 -29.79 -1.21 3.39
N PRO D 47 -29.45 -1.35 4.69
CA PRO D 47 -28.65 -0.36 5.40
C PRO D 47 -27.21 -0.32 4.87
N ARG D 48 -26.64 0.87 4.78
CA ARG D 48 -25.26 1.03 4.31
C ARG D 48 -24.51 1.97 5.25
N ALA D 49 -25.12 2.20 6.40
CA ALA D 49 -24.56 3.01 7.46
C ALA D 49 -25.12 2.49 8.76
N GLN D 50 -24.27 2.40 9.78
CA GLN D 50 -24.64 1.80 11.05
C GLN D 50 -25.83 2.50 11.74
N TRP D 51 -25.93 3.81 11.56
CA TRP D 51 -26.92 4.60 12.30
C TRP D 51 -28.37 4.49 11.82
N ILE D 52 -28.59 3.93 10.64
CA ILE D 52 -29.95 3.76 10.12
C ILE D 52 -30.59 2.46 10.60
N GLN D 53 -29.75 1.52 11.03
CA GLN D 53 -30.20 0.21 11.51
C GLN D 53 -31.22 0.30 12.65
N GLN D 54 -31.20 1.42 13.38
CA GLN D 54 -32.07 1.57 14.55
C GLN D 54 -33.51 1.87 14.18
N GLU D 55 -33.78 1.98 12.87
CA GLU D 55 -35.16 2.11 12.39
C GLU D 55 -35.89 0.78 12.52
N GLY D 56 -37.19 0.86 12.83
CA GLY D 56 -37.98 -0.34 13.02
C GLY D 56 -38.40 -0.99 11.72
N GLN D 57 -38.92 -2.21 11.81
CA GLN D 57 -39.31 -2.97 10.62
C GLN D 57 -40.39 -2.26 9.81
N GLU D 58 -41.16 -1.40 10.47
CA GLU D 58 -42.18 -0.62 9.78
C GLU D 58 -41.52 0.30 8.75
N TYR D 59 -40.32 0.75 9.07
CA TYR D 59 -39.53 1.58 8.17
C TYR D 59 -38.99 0.77 6.99
N TRP D 60 -38.41 -0.39 7.29
CA TRP D 60 -37.77 -1.21 6.27
C TRP D 60 -38.78 -1.86 5.32
N ASP D 61 -39.94 -2.22 5.86
CA ASP D 61 -41.01 -2.77 5.03
C ASP D 61 -41.47 -1.73 4.02
N ARG D 62 -41.62 -0.48 4.46
CA ARG D 62 -42.06 0.57 3.56
C ARG D 62 -41.05 0.85 2.46
N GLU D 63 -39.79 1.00 2.83
CA GLU D 63 -38.75 1.35 1.86
C GLU D 63 -38.49 0.22 0.85
N THR D 64 -38.55 -1.02 1.32
CA THR D 64 -38.36 -2.16 0.44
C THR D 64 -39.48 -2.27 -0.58
N GLN D 65 -40.73 -2.14 -0.10
CA GLN D 65 -41.89 -2.19 -0.99
C GLN D 65 -41.87 -1.10 -2.07
N ILE D 66 -41.60 0.13 -1.66
CA ILE D 66 -41.56 1.26 -2.60
C ILE D 66 -40.43 1.09 -3.63
N SER D 67 -39.31 0.52 -3.21
CA SER D 67 -38.21 0.27 -4.14
C SER D 67 -38.62 -0.68 -5.26
N LYS D 68 -39.33 -1.76 -4.90
CA LYS D 68 -39.70 -2.79 -5.86
C LYS D 68 -40.84 -2.33 -6.78
N GLU D 69 -41.74 -1.52 -6.22
CA GLU D 69 -42.81 -0.94 -7.01
C GLU D 69 -42.26 0.06 -8.03
N THR D 70 -41.28 0.85 -7.60
CA THR D 70 -40.66 1.84 -8.46
C THR D 70 -39.88 1.14 -9.58
N ALA D 71 -39.21 0.06 -9.23
CA ALA D 71 -38.46 -0.73 -10.21
C ALA D 71 -39.39 -1.25 -11.31
N GLN D 72 -40.63 -1.54 -10.92
CA GLN D 72 -41.63 -2.06 -11.83
C GLN D 72 -42.08 -0.98 -12.83
N ASN D 73 -42.29 0.22 -12.30
CA ASN D 73 -42.61 1.39 -13.12
C ASN D 73 -41.52 1.68 -14.15
N TYR D 74 -40.27 1.65 -13.69
CA TYR D 74 -39.15 1.97 -14.56
C TYR D 74 -38.88 0.95 -15.67
N ARG D 75 -39.31 -0.30 -15.46
CA ARG D 75 -39.29 -1.29 -16.52
C ARG D 75 -40.17 -0.84 -17.67
N VAL D 76 -41.36 -0.33 -17.34
CA VAL D 76 -42.26 0.22 -18.33
C VAL D 76 -41.71 1.52 -18.90
N ASP D 77 -41.23 2.39 -18.02
CA ASP D 77 -40.64 3.67 -18.42
C ASP D 77 -39.53 3.53 -19.48
N LEU D 78 -38.69 2.51 -19.32
CA LEU D 78 -37.64 2.21 -20.29
C LEU D 78 -38.26 1.88 -21.64
N ASN D 79 -39.27 1.03 -21.61
CA ASN D 79 -39.95 0.60 -22.82
C ASN D 79 -40.58 1.79 -23.53
N THR D 80 -41.09 2.73 -22.75
CA THR D 80 -41.75 3.92 -23.29
C THR D 80 -40.78 4.89 -23.96
N LEU D 81 -39.70 5.21 -23.26
CA LEU D 81 -38.71 6.13 -23.82
C LEU D 81 -38.05 5.54 -25.05
N ARG D 82 -37.89 4.22 -25.09
CA ARG D 82 -37.40 3.54 -26.30
C ARG D 82 -38.29 3.89 -27.48
N GLY D 83 -39.59 3.83 -27.28
CA GLY D 83 -40.53 4.14 -28.32
C GLY D 83 -40.58 5.61 -28.70
N TYR D 84 -40.39 6.48 -27.71
CA TYR D 84 -40.40 7.93 -27.95
C TYR D 84 -39.29 8.30 -28.92
N TYR D 85 -38.15 7.61 -28.82
CA TYR D 85 -37.01 7.90 -29.66
C TYR D 85 -36.95 6.91 -30.84
N ASN D 86 -38.01 6.11 -30.98
CA ASN D 86 -38.09 5.10 -32.03
C ASN D 86 -36.81 4.26 -32.13
N GLN D 87 -36.38 3.69 -31.01
CA GLN D 87 -35.15 2.92 -30.99
C GLN D 87 -35.43 1.41 -31.01
N SER D 88 -34.47 0.65 -31.52
CA SER D 88 -34.56 -0.80 -31.58
C SER D 88 -34.49 -1.37 -30.17
N GLU D 89 -34.89 -2.63 -30.00
CA GLU D 89 -34.85 -3.25 -28.67
C GLU D 89 -33.53 -3.97 -28.52
N ALA D 90 -32.53 -3.58 -29.30
CA ALA D 90 -31.26 -4.29 -29.29
C ALA D 90 -30.32 -3.63 -28.29
N GLY D 91 -30.40 -2.32 -28.17
CA GLY D 91 -29.50 -1.59 -27.29
C GLY D 91 -30.01 -1.51 -25.86
N SER D 92 -29.09 -1.62 -24.92
CA SER D 92 -29.37 -1.37 -23.51
C SER D 92 -29.48 0.12 -23.29
N ARG D 93 -30.53 0.59 -22.63
CA ARG D 93 -30.71 2.03 -22.46
C ARG D 93 -30.75 2.30 -20.94
N THR D 94 -30.58 3.55 -20.55
CA THR D 94 -30.49 3.88 -19.13
C THR D 94 -31.35 5.08 -18.75
N ILE D 95 -32.10 4.96 -17.65
CA ILE D 95 -32.79 6.09 -17.06
C ILE D 95 -32.20 6.32 -15.69
N GLN D 96 -31.89 7.58 -15.40
CA GLN D 96 -31.38 7.95 -14.09
C GLN D 96 -32.27 9.05 -13.54
N ARG D 97 -32.42 9.08 -12.23
CA ARG D 97 -33.21 10.10 -11.58
C ARG D 97 -32.56 10.48 -10.26
N VAL D 98 -32.52 11.78 -10.00
CA VAL D 98 -31.95 12.29 -8.78
C VAL D 98 -32.93 13.29 -8.17
N TYR D 99 -33.14 13.19 -6.86
CA TYR D 99 -33.98 14.14 -6.13
C TYR D 99 -33.57 14.25 -4.67
N GLY D 100 -33.90 15.38 -4.04
CA GLY D 100 -33.58 15.59 -2.64
C GLY D 100 -33.86 16.99 -2.14
N CYS D 101 -33.56 17.20 -0.87
CA CYS D 101 -33.81 18.47 -0.19
C CYS D 101 -32.58 18.96 0.56
N TYR D 102 -32.36 20.27 0.53
CA TYR D 102 -31.31 20.88 1.35
C TYR D 102 -31.98 21.59 2.53
N LEU D 103 -31.35 21.52 3.70
CA LEU D 103 -31.93 22.07 4.92
C LEU D 103 -31.52 23.53 5.12
N GLY D 104 -32.50 24.40 5.37
CA GLY D 104 -32.23 25.80 5.63
C GLY D 104 -32.12 26.05 7.11
N PRO D 105 -31.64 27.25 7.49
CA PRO D 105 -31.36 27.59 8.90
C PRO D 105 -32.63 27.78 9.72
N ASP D 106 -33.76 27.95 9.06
CA ASP D 106 -35.04 28.10 9.74
C ASP D 106 -35.73 26.75 9.94
N GLY D 107 -35.03 25.69 9.56
CA GLY D 107 -35.59 24.36 9.63
C GLY D 107 -36.57 24.11 8.50
N LEU D 108 -36.48 24.94 7.46
CA LEU D 108 -37.30 24.76 6.27
C LEU D 108 -36.44 24.45 5.05
N LEU D 109 -37.09 23.98 4.00
CA LEU D 109 -36.43 23.69 2.72
C LEU D 109 -35.58 24.85 2.21
N LEU D 110 -34.29 24.61 2.04
CA LEU D 110 -33.42 25.59 1.40
C LEU D 110 -33.71 25.52 -0.08
N ARG D 111 -33.54 24.33 -0.65
CA ARG D 111 -33.92 24.09 -2.03
C ARG D 111 -34.22 22.61 -2.23
N GLY D 112 -35.22 22.32 -3.05
CA GLY D 112 -35.56 20.96 -3.39
C GLY D 112 -35.42 20.84 -4.88
N TYR D 113 -35.15 19.63 -5.37
CA TYR D 113 -34.84 19.45 -6.78
C TYR D 113 -35.18 18.04 -7.24
N ARG D 114 -35.47 17.92 -8.54
CA ARG D 114 -35.54 16.62 -9.19
C ARG D 114 -35.07 16.74 -10.63
N GLN D 115 -34.22 15.81 -11.05
CA GLN D 115 -33.75 15.76 -12.42
C GLN D 115 -33.67 14.33 -12.92
N ASP D 116 -33.99 14.15 -14.19
CA ASP D 116 -34.02 12.81 -14.78
C ASP D 116 -33.14 12.84 -16.02
N ALA D 117 -32.48 11.73 -16.32
CA ALA D 117 -31.61 11.64 -17.49
C ALA D 117 -31.88 10.36 -18.26
N TYR D 118 -31.77 10.45 -19.58
CA TYR D 118 -31.91 9.28 -20.43
C TYR D 118 -30.66 9.11 -21.29
N ASP D 119 -30.03 7.93 -21.19
CA ASP D 119 -28.79 7.63 -21.91
C ASP D 119 -27.66 8.61 -21.63
N GLY D 120 -27.65 9.19 -20.43
CA GLY D 120 -26.55 10.02 -20.00
C GLY D 120 -26.79 11.50 -20.22
N ALA D 121 -27.92 11.82 -20.84
CA ALA D 121 -28.25 13.20 -21.16
C ALA D 121 -29.50 13.65 -20.42
N ASP D 122 -29.50 14.91 -19.97
CA ASP D 122 -30.66 15.53 -19.34
C ASP D 122 -31.93 15.22 -20.14
N TYR D 123 -32.97 14.79 -19.44
CA TYR D 123 -34.24 14.43 -20.06
C TYR D 123 -35.32 15.40 -19.61
N ILE D 124 -35.66 15.35 -18.32
CA ILE D 124 -36.67 16.24 -17.74
C ILE D 124 -36.20 16.66 -16.36
N ALA D 125 -36.67 17.82 -15.90
CA ALA D 125 -36.28 18.35 -14.61
C ALA D 125 -37.42 19.14 -13.98
N LEU D 126 -37.51 19.09 -12.67
CA LEU D 126 -38.49 19.88 -11.94
C LEU D 126 -37.92 21.28 -11.73
N ASN D 127 -38.73 22.30 -12.03
CA ASN D 127 -38.26 23.67 -11.90
C ASN D 127 -38.20 24.11 -10.44
N GLU D 128 -37.40 25.15 -10.20
CA GLU D 128 -37.15 25.68 -8.87
C GLU D 128 -38.44 25.98 -8.09
N ASP D 129 -39.45 26.46 -8.80
CA ASP D 129 -40.74 26.77 -8.18
C ASP D 129 -41.49 25.52 -7.72
N LEU D 130 -41.04 24.36 -8.19
CA LEU D 130 -41.59 23.06 -7.80
C LEU D 130 -43.04 22.89 -8.23
N ARG D 131 -43.43 23.63 -9.28
CA ARG D 131 -44.79 23.58 -9.81
C ARG D 131 -44.78 23.41 -11.32
N SER D 132 -43.60 23.21 -11.89
CA SER D 132 -43.45 23.17 -13.34
C SER D 132 -42.25 22.33 -13.75
N TRP D 133 -42.23 21.96 -15.03
CA TRP D 133 -41.19 21.09 -15.56
C TRP D 133 -40.45 21.75 -16.71
N THR D 134 -39.21 21.31 -16.93
CA THR D 134 -38.45 21.69 -18.11
C THR D 134 -38.06 20.43 -18.86
N ALA D 135 -38.41 20.38 -20.14
CA ALA D 135 -38.08 19.21 -20.95
C ALA D 135 -36.85 19.54 -21.75
N ALA D 136 -35.97 18.56 -21.89
CA ALA D 136 -34.68 18.80 -22.56
C ALA D 136 -34.79 18.62 -24.07
N ASP D 137 -35.83 17.91 -24.50
CA ASP D 137 -36.04 17.68 -25.92
C ASP D 137 -37.51 17.45 -26.23
N MET D 138 -37.77 16.96 -27.43
CA MET D 138 -39.14 16.84 -27.93
C MET D 138 -39.83 15.64 -27.26
N ALA D 139 -39.08 14.56 -27.10
CA ALA D 139 -39.57 13.39 -26.38
C ALA D 139 -40.01 13.71 -24.95
N ALA D 140 -39.17 14.42 -24.21
CA ALA D 140 -39.43 14.74 -22.82
C ALA D 140 -40.64 15.67 -22.64
N GLN D 141 -41.07 16.28 -23.74
CA GLN D 141 -42.22 17.19 -23.71
C GLN D 141 -43.50 16.37 -23.60
N ILE D 142 -43.49 15.17 -24.17
CA ILE D 142 -44.60 14.24 -24.00
C ILE D 142 -44.76 13.87 -22.52
N THR D 143 -43.64 13.47 -21.90
CA THR D 143 -43.63 13.10 -20.50
C THR D 143 -44.03 14.30 -19.63
N LYS D 144 -43.62 15.48 -20.07
CA LYS D 144 -43.89 16.72 -19.36
C LYS D 144 -45.39 16.98 -19.31
N ARG D 145 -46.06 16.67 -20.40
CA ARG D 145 -47.49 16.93 -20.54
C ARG D 145 -48.33 15.95 -19.72
N LYS D 146 -47.92 14.69 -19.67
CA LYS D 146 -48.56 13.71 -18.81
C LYS D 146 -48.53 14.18 -17.36
N TRP D 147 -47.36 14.64 -16.93
CA TRP D 147 -47.18 15.08 -15.55
C TRP D 147 -47.85 16.42 -15.26
N GLU D 148 -48.14 17.20 -16.29
CA GLU D 148 -48.85 18.47 -16.10
C GLU D 148 -50.36 18.28 -15.96
N VAL D 149 -50.93 17.44 -16.81
CA VAL D 149 -52.38 17.24 -16.83
C VAL D 149 -52.89 16.61 -15.52
N VAL D 150 -51.99 15.89 -14.85
CA VAL D 150 -52.34 15.25 -13.58
C VAL D 150 -51.67 15.92 -12.36
N ASN D 151 -50.95 17.00 -12.62
CA ASN D 151 -50.26 17.78 -11.57
C ASN D 151 -49.32 16.97 -10.67
N GLU D 152 -48.47 16.16 -11.29
CA GLU D 152 -47.46 15.37 -10.61
C GLU D 152 -46.58 16.24 -9.70
N ALA D 153 -46.28 17.45 -10.18
CA ALA D 153 -45.39 18.36 -9.47
C ALA D 153 -45.81 18.64 -8.03
N GLU D 154 -47.12 18.62 -7.77
CA GLU D 154 -47.65 18.99 -6.46
C GLU D 154 -47.32 17.93 -5.40
N GLY D 155 -47.31 16.67 -5.79
CA GLY D 155 -46.85 15.61 -4.92
C GLY D 155 -45.37 15.73 -4.61
N GLU D 156 -44.59 16.02 -5.65
CA GLU D 156 -43.16 16.26 -5.50
C GLU D 156 -42.86 17.40 -4.52
N ARG D 157 -43.60 18.50 -4.67
CA ARG D 157 -43.38 19.68 -3.84
C ARG D 157 -43.73 19.46 -2.37
N SER D 158 -44.82 18.76 -2.11
CA SER D 158 -45.22 18.49 -0.73
C SER D 158 -44.19 17.58 -0.06
N TYR D 159 -43.65 16.63 -0.83
CA TYR D 159 -42.60 15.75 -0.32
C TYR D 159 -41.37 16.56 0.09
N LEU D 160 -40.88 17.38 -0.84
CA LEU D 160 -39.63 18.11 -0.65
C LEU D 160 -39.73 19.12 0.51
N GLN D 161 -40.83 19.86 0.56
CA GLN D 161 -41.05 20.86 1.60
C GLN D 161 -41.48 20.25 2.93
N GLY D 162 -41.87 18.98 2.92
CA GLY D 162 -42.39 18.34 4.12
C GLY D 162 -41.63 17.11 4.56
N ARG D 163 -42.13 15.94 4.15
CA ARG D 163 -41.55 14.64 4.51
C ARG D 163 -40.03 14.57 4.34
N CYS D 164 -39.51 15.18 3.28
CA CYS D 164 -38.08 15.12 2.98
C CYS D 164 -37.21 15.80 4.04
N VAL D 165 -37.53 17.05 4.38
CA VAL D 165 -36.77 17.78 5.39
C VAL D 165 -37.01 17.20 6.79
N GLU D 166 -38.17 16.58 6.97
CA GLU D 166 -38.51 15.98 8.26
C GLU D 166 -37.60 14.79 8.49
N TRP D 167 -37.49 13.93 7.48
CA TRP D 167 -36.60 12.78 7.54
C TRP D 167 -35.12 13.18 7.62
N LEU D 168 -34.75 14.23 6.90
CA LEU D 168 -33.39 14.76 6.99
C LEU D 168 -33.04 15.15 8.42
N GLN D 169 -33.90 15.94 9.04
CA GLN D 169 -33.78 16.30 10.46
C GLN D 169 -33.63 15.07 11.36
N LYS D 170 -34.47 14.06 11.16
CA LYS D 170 -34.38 12.83 11.93
C LYS D 170 -33.06 12.08 11.70
N TYR D 171 -32.64 11.95 10.44
CA TYR D 171 -31.39 11.29 10.10
C TYR D 171 -30.14 11.96 10.71
N LEU D 172 -30.12 13.29 10.73
CA LEU D 172 -28.99 14.04 11.26
C LEU D 172 -28.79 13.78 12.75
N VAL D 173 -29.90 13.61 13.47
CA VAL D 173 -29.85 13.25 14.88
C VAL D 173 -29.35 11.82 15.02
N MET D 174 -29.96 10.90 14.25
CA MET D 174 -29.56 9.50 14.26
C MET D 174 -28.08 9.26 13.99
N GLY D 175 -27.49 10.01 13.05
CA GLY D 175 -26.08 9.81 12.74
C GLY D 175 -25.18 10.97 13.11
N LYS D 176 -25.50 11.65 14.20
CA LYS D 176 -24.75 12.83 14.63
C LYS D 176 -23.32 12.50 15.00
N ASP D 177 -23.08 11.25 15.41
CA ASP D 177 -21.77 10.86 15.90
C ASP D 177 -20.85 10.48 14.74
N THR D 178 -21.40 10.46 13.52
CA THR D 178 -20.61 10.08 12.34
C THR D 178 -20.65 10.98 11.09
N LEU D 179 -21.82 11.54 10.78
CA LEU D 179 -22.02 12.25 9.50
C LEU D 179 -21.17 13.51 9.27
N GLN D 180 -21.13 14.40 10.25
CA GLN D 180 -20.48 15.70 10.09
C GLN D 180 -19.13 15.82 10.80
N ARG D 181 -18.44 14.71 10.98
CA ARG D 181 -17.14 14.69 11.64
C ARG D 181 -16.09 14.44 10.56
N ALA D 182 -14.89 15.01 10.75
CA ALA D 182 -13.93 15.06 9.65
C ALA D 182 -12.51 14.64 9.98
N GLU D 183 -11.81 14.14 8.96
CA GLU D 183 -10.49 13.53 9.09
C GLU D 183 -9.46 14.24 8.23
N PRO D 184 -8.45 14.86 8.87
CA PRO D 184 -7.41 15.63 8.18
C PRO D 184 -6.43 14.72 7.43
N PRO D 185 -5.89 15.21 6.31
CA PRO D 185 -4.96 14.43 5.47
C PRO D 185 -3.59 14.22 6.10
N LYS D 186 -3.00 13.06 5.87
CA LYS D 186 -1.62 12.82 6.25
C LYS D 186 -0.77 13.19 5.05
N THR D 187 0.06 14.23 5.21
CA THR D 187 0.73 14.84 4.07
C THR D 187 2.24 14.64 4.07
N HIS D 188 2.79 14.36 2.90
CA HIS D 188 4.24 14.35 2.71
C HIS D 188 4.62 14.69 1.28
N VAL D 189 5.90 14.99 1.07
CA VAL D 189 6.39 15.35 -0.25
C VAL D 189 7.42 14.30 -0.63
N THR D 190 7.37 13.87 -1.89
CA THR D 190 8.37 12.92 -2.36
C THR D 190 9.12 13.57 -3.50
N ARG D 191 10.37 13.15 -3.65
CA ARG D 191 11.25 13.71 -4.66
C ARG D 191 11.67 12.62 -5.61
N HIS D 192 11.62 12.92 -6.90
CA HIS D 192 11.99 11.92 -7.88
C HIS D 192 12.90 12.51 -8.96
N PRO D 193 14.20 12.17 -8.87
CA PRO D 193 15.17 12.52 -9.91
C PRO D 193 14.71 11.69 -11.09
N SER D 194 14.89 12.13 -12.32
CA SER D 194 14.35 11.32 -13.40
C SER D 194 15.44 10.58 -14.17
N SER D 195 15.89 11.14 -15.29
CA SER D 195 16.99 10.53 -16.06
C SER D 195 17.93 11.57 -16.68
N ASP D 196 18.91 12.06 -15.91
CA ASP D 196 19.79 13.15 -16.36
C ASP D 196 18.91 14.37 -16.63
N LEU D 197 18.12 14.65 -15.61
CA LEU D 197 16.96 15.53 -15.57
C LEU D 197 16.16 14.62 -14.67
N GLY D 198 15.31 15.16 -13.81
CA GLY D 198 15.15 16.57 -13.55
C GLY D 198 14.65 16.35 -12.15
N VAL D 199 13.84 17.23 -11.59
CA VAL D 199 13.27 16.84 -10.31
C VAL D 199 11.76 17.02 -10.27
N THR D 200 11.06 15.93 -9.97
CA THR D 200 9.62 15.96 -9.85
C THR D 200 9.34 15.99 -8.36
N LEU D 201 8.60 16.99 -7.92
CA LEU D 201 8.19 17.08 -6.52
C LEU D 201 6.74 16.68 -6.46
N ARG D 202 6.40 15.80 -5.52
CA ARG D 202 5.05 15.27 -5.42
C ARG D 202 4.47 15.45 -4.03
N CYS D 203 3.41 16.25 -3.94
CA CYS D 203 2.75 16.49 -2.66
C CYS D 203 1.60 15.50 -2.45
N TRP D 204 1.70 14.70 -1.39
CA TRP D 204 0.70 13.68 -1.10
C TRP D 204 -0.27 14.11 0.00
N ALA D 205 -1.55 13.79 -0.19
CA ALA D 205 -2.57 13.97 0.84
C ALA D 205 -3.34 12.66 0.96
N LEU D 206 -3.20 11.98 2.10
CA LEU D 206 -3.75 10.65 2.25
C LEU D 206 -4.70 10.52 3.44
N GLY D 207 -5.66 9.60 3.31
CA GLY D 207 -6.58 9.30 4.39
C GLY D 207 -7.42 10.44 4.92
N PHE D 208 -7.86 11.35 4.05
CA PHE D 208 -8.68 12.47 4.50
C PHE D 208 -10.18 12.28 4.23
N TYR D 209 -11.00 12.89 5.07
CA TYR D 209 -12.45 12.95 4.87
C TYR D 209 -12.97 14.27 5.44
N PRO D 210 -13.85 14.96 4.70
CA PRO D 210 -14.49 14.63 3.42
C PRO D 210 -13.57 14.70 2.19
N LYS D 211 -14.21 14.64 1.03
CA LYS D 211 -13.53 14.49 -0.26
C LYS D 211 -12.95 15.80 -0.77
N GLU D 212 -13.53 16.92 -0.36
CA GLU D 212 -13.10 18.23 -0.86
C GLU D 212 -11.76 18.61 -0.25
N ILE D 213 -10.78 18.88 -1.11
CA ILE D 213 -9.46 19.29 -0.65
C ILE D 213 -8.83 20.27 -1.65
N SER D 214 -7.87 21.06 -1.18
CA SER D 214 -7.05 21.89 -2.07
C SER D 214 -5.57 21.52 -1.98
N LEU D 215 -4.96 21.29 -3.14
CA LEU D 215 -3.52 21.08 -3.22
C LEU D 215 -2.95 22.01 -4.28
N SER D 216 -2.00 22.85 -3.89
CA SER D 216 -1.35 23.74 -4.85
C SER D 216 0.16 23.79 -4.61
N TRP D 217 0.90 24.10 -5.67
CA TRP D 217 2.34 24.33 -5.56
C TRP D 217 2.64 25.80 -5.78
N GLN D 218 3.49 26.36 -4.93
CA GLN D 218 3.92 27.74 -5.07
C GLN D 218 5.43 27.82 -5.15
N ARG D 219 5.91 28.76 -5.95
CA ARG D 219 7.32 29.10 -5.96
C ARG D 219 7.48 30.52 -5.48
N GLU D 220 8.13 30.68 -4.32
CA GLU D 220 8.29 31.97 -3.66
C GLU D 220 7.05 32.85 -3.71
N GLY D 221 5.93 32.28 -3.26
CA GLY D 221 4.66 32.97 -3.19
C GLY D 221 3.99 33.18 -4.54
N GLN D 222 4.51 32.56 -5.59
CA GLN D 222 3.92 32.76 -6.90
C GLN D 222 3.34 31.41 -7.33
N ASP D 223 2.02 31.37 -7.53
CA ASP D 223 1.31 30.12 -7.79
C ASP D 223 1.82 29.38 -9.04
N GLN D 224 1.82 28.04 -8.98
CA GLN D 224 2.35 27.21 -10.07
C GLN D 224 1.29 26.24 -10.59
N SER D 225 0.01 26.57 -10.44
CA SER D 225 -1.07 25.67 -10.84
C SER D 225 -1.14 25.42 -12.35
N GLN D 226 -0.35 26.16 -13.12
CA GLN D 226 -0.42 26.07 -14.58
C GLN D 226 0.34 24.86 -15.13
N ASP D 227 1.48 24.57 -14.51
CA ASP D 227 2.28 23.42 -14.93
C ASP D 227 2.35 22.38 -13.81
N MET D 228 1.31 22.35 -13.00
CA MET D 228 1.19 21.40 -11.90
C MET D 228 0.34 20.21 -12.34
N GLU D 229 0.86 19.00 -12.21
CA GLU D 229 0.05 17.83 -12.49
C GLU D 229 -0.72 17.45 -11.24
N LEU D 230 -2.05 17.52 -11.33
CA LEU D 230 -2.91 17.22 -10.20
C LEU D 230 -3.87 16.10 -10.60
N VAL D 231 -3.99 15.09 -9.75
CA VAL D 231 -4.89 13.98 -10.05
C VAL D 231 -6.26 14.18 -9.40
N GLU D 232 -7.26 13.58 -10.03
CA GLU D 232 -8.61 13.55 -9.50
C GLU D 232 -8.60 12.89 -8.13
N THR D 233 -9.28 13.51 -7.16
CA THR D 233 -9.39 12.94 -5.82
C THR D 233 -9.98 11.54 -5.94
N ARG D 234 -9.37 10.58 -5.26
CA ARG D 234 -9.77 9.18 -5.37
C ARG D 234 -9.96 8.55 -3.99
N PRO D 235 -10.90 7.60 -3.90
CA PRO D 235 -11.17 6.88 -2.65
C PRO D 235 -10.04 5.93 -2.25
N SER D 236 -9.76 5.85 -0.95
CA SER D 236 -8.74 4.95 -0.44
C SER D 236 -9.24 3.52 -0.36
N GLY D 237 -10.54 3.38 -0.10
CA GLY D 237 -11.14 2.07 0.07
C GLY D 237 -11.58 1.82 1.50
N ASP D 238 -11.44 2.84 2.35
CA ASP D 238 -11.83 2.74 3.75
C ASP D 238 -12.69 3.93 4.17
N GLY D 239 -13.30 4.58 3.18
CA GLY D 239 -14.13 5.73 3.43
C GLY D 239 -13.36 7.04 3.48
N THR D 240 -12.06 6.99 3.19
CA THR D 240 -11.26 8.21 3.10
C THR D 240 -10.73 8.42 1.69
N PHE D 241 -10.00 9.52 1.50
CA PHE D 241 -9.63 9.91 0.14
C PHE D 241 -8.13 10.23 -0.02
N GLN D 242 -7.70 10.24 -1.27
CA GLN D 242 -6.31 10.50 -1.63
C GLN D 242 -6.29 11.54 -2.73
N LYS D 243 -5.18 12.26 -2.83
CA LYS D 243 -4.93 13.15 -3.94
C LYS D 243 -3.44 13.43 -3.91
N TRP D 244 -2.85 13.65 -5.08
CA TRP D 244 -1.51 14.19 -5.12
C TRP D 244 -1.36 15.28 -6.16
N ALA D 245 -0.41 16.17 -5.94
CA ALA D 245 -0.09 17.24 -6.87
C ALA D 245 1.41 17.23 -7.09
N ALA D 246 1.83 17.28 -8.35
CA ALA D 246 3.24 17.20 -8.69
C ALA D 246 3.66 18.30 -9.64
N LEU D 247 4.97 18.58 -9.67
CA LEU D 247 5.55 19.47 -10.68
C LEU D 247 7.06 19.23 -10.84
N VAL D 248 7.57 19.53 -12.03
CA VAL D 248 8.99 19.38 -12.33
C VAL D 248 9.71 20.69 -12.03
N VAL D 249 10.69 20.64 -11.12
CA VAL D 249 11.46 21.82 -10.74
C VAL D 249 12.92 21.67 -11.19
N PRO D 250 13.70 22.78 -11.18
CA PRO D 250 15.12 22.66 -11.52
C PRO D 250 15.92 21.98 -10.41
N PRO D 251 16.97 21.23 -10.77
CA PRO D 251 17.78 20.42 -9.84
C PRO D 251 18.34 21.13 -8.61
N GLY D 252 18.44 22.45 -8.63
CA GLY D 252 18.96 23.15 -7.47
C GLY D 252 17.90 23.70 -6.53
N GLU D 253 16.71 23.96 -7.06
CA GLU D 253 15.75 24.83 -6.39
C GLU D 253 14.61 24.18 -5.60
N GLU D 254 14.84 22.98 -5.06
CA GLU D 254 13.80 22.29 -4.29
C GLU D 254 13.18 23.09 -3.15
N GLN D 255 14.00 23.88 -2.45
CA GLN D 255 13.53 24.60 -1.26
C GLN D 255 12.79 25.86 -1.65
N SER D 256 12.80 26.17 -2.94
CA SER D 256 12.18 27.38 -3.43
C SER D 256 10.71 27.10 -3.76
N TYR D 257 10.28 25.86 -3.55
CA TYR D 257 8.91 25.45 -3.84
C TYR D 257 8.16 24.94 -2.59
N THR D 258 6.90 25.34 -2.45
CA THR D 258 6.08 24.91 -1.33
C THR D 258 4.73 24.35 -1.76
N CYS D 259 4.31 23.25 -1.13
CA CYS D 259 2.98 22.70 -1.36
C CYS D 259 2.00 23.19 -0.31
N HIS D 260 0.84 23.65 -0.75
CA HIS D 260 -0.16 24.23 0.16
C HIS D 260 -1.43 23.38 0.24
N VAL D 261 -1.71 22.88 1.44
CA VAL D 261 -2.84 22.00 1.66
C VAL D 261 -3.97 22.67 2.44
N GLN D 262 -5.20 22.54 1.93
CA GLN D 262 -6.37 23.09 2.58
C GLN D 262 -7.40 22.01 2.76
N HIS D 263 -7.80 21.78 4.01
CA HIS D 263 -8.83 20.79 4.32
C HIS D 263 -9.49 21.18 5.64
N GLU D 264 -10.78 20.86 5.74
CA GLU D 264 -11.60 21.28 6.86
C GLU D 264 -11.26 20.56 8.17
N GLY D 265 -10.52 19.47 8.05
CA GLY D 265 -10.03 18.73 9.21
C GLY D 265 -8.84 19.40 9.87
N LEU D 266 -8.09 20.16 9.09
CA LEU D 266 -6.93 20.89 9.61
C LEU D 266 -7.34 22.16 10.35
N GLN D 267 -6.72 22.41 11.49
CA GLN D 267 -6.98 23.63 12.24
C GLN D 267 -6.34 24.77 11.46
N GLU D 268 -5.13 24.53 10.97
CA GLU D 268 -4.42 25.50 10.16
C GLU D 268 -4.01 24.87 8.83
N PRO D 269 -4.12 25.65 7.75
CA PRO D 269 -3.63 25.21 6.43
C PRO D 269 -2.15 24.89 6.50
N LEU D 270 -1.69 23.94 5.68
CA LEU D 270 -0.31 23.48 5.73
C LEU D 270 0.55 24.08 4.63
N THR D 271 1.82 24.35 4.95
CA THR D 271 2.82 24.67 3.95
C THR D 271 3.87 23.58 4.02
N LEU D 272 3.99 22.81 2.95
CA LEU D 272 4.95 21.70 2.95
C LEU D 272 6.10 22.01 2.01
N ARG D 273 7.23 21.36 2.27
CA ARG D 273 8.43 21.56 1.50
C ARG D 273 9.23 20.29 1.65
N TRP D 274 10.02 19.92 0.64
CA TRP D 274 10.73 18.65 0.69
C TRP D 274 11.85 18.61 1.73
N ASP D 275 11.95 17.50 2.43
CA ASP D 275 12.97 17.29 3.45
C ASP D 275 13.99 16.24 3.01
N VAL E 1 -25.13 9.35 -25.85
CA VAL E 1 -23.98 9.94 -25.18
C VAL E 1 -23.21 8.88 -24.37
N ALA E 2 -22.08 8.45 -24.90
CA ALA E 2 -21.26 7.44 -24.25
C ALA E 2 -19.97 8.10 -23.77
N ARG E 3 -19.49 7.69 -22.60
CA ARG E 3 -18.27 8.25 -22.03
C ARG E 3 -17.28 7.18 -21.60
N PRO E 4 -16.00 7.35 -21.99
CA PRO E 4 -14.93 6.43 -21.62
C PRO E 4 -14.50 6.60 -20.19
N PRO E 5 -14.13 5.49 -19.53
CA PRO E 5 -13.76 5.48 -18.12
C PRO E 5 -12.43 6.17 -17.91
N LYS E 6 -12.31 6.91 -16.82
CA LYS E 6 -11.02 7.39 -16.37
C LYS E 6 -10.52 6.30 -15.44
N VAL E 7 -9.27 5.89 -15.60
CA VAL E 7 -8.73 4.81 -14.77
C VAL E 7 -7.60 5.32 -13.89
N GLN E 8 -7.65 4.94 -12.62
CA GLN E 8 -6.56 5.27 -11.70
C GLN E 8 -6.15 4.04 -10.90
N VAL E 9 -4.87 3.68 -10.99
CA VAL E 9 -4.33 2.55 -10.23
C VAL E 9 -3.33 3.04 -9.20
N TYR E 10 -3.56 2.64 -7.95
CA TYR E 10 -2.79 3.10 -6.81
C TYR E 10 -2.98 2.15 -5.64
N SER E 11 -2.25 2.40 -4.56
CA SER E 11 -2.39 1.61 -3.35
C SER E 11 -3.05 2.44 -2.26
N ARG E 12 -3.72 1.79 -1.32
CA ARG E 12 -4.39 2.51 -0.25
C ARG E 12 -3.39 3.31 0.58
N HIS E 13 -2.25 2.68 0.89
CA HIS E 13 -1.19 3.34 1.62
C HIS E 13 0.07 3.37 0.76
N PRO E 14 1.03 4.25 1.09
CA PRO E 14 2.31 4.24 0.39
C PRO E 14 2.90 2.84 0.36
N ALA E 15 3.12 2.31 -0.84
CA ALA E 15 3.64 0.96 -1.01
C ALA E 15 5.03 0.74 -0.39
N GLU E 16 5.15 -0.37 0.33
CA GLU E 16 6.39 -0.72 1.02
C GLU E 16 6.59 -2.23 1.05
N ASN E 17 7.53 -2.70 0.24
CA ASN E 17 7.84 -4.13 0.08
C ASN E 17 7.71 -4.96 1.36
N GLY E 18 6.91 -6.02 1.30
CA GLY E 18 6.71 -6.90 2.44
C GLY E 18 5.46 -6.65 3.28
N LYS E 19 5.04 -5.39 3.36
CA LYS E 19 3.88 -5.02 4.18
C LYS E 19 2.55 -5.11 3.45
N PRO E 20 1.55 -5.75 4.10
CA PRO E 20 0.23 -5.91 3.46
C PRO E 20 -0.41 -4.55 3.19
N ASN E 21 -1.00 -4.41 2.00
CA ASN E 21 -1.55 -3.13 1.54
C ASN E 21 -2.84 -3.40 0.77
N TYR E 22 -3.19 -2.50 -0.14
CA TYR E 22 -4.42 -2.62 -0.92
C TYR E 22 -4.24 -2.09 -2.33
N LEU E 23 -4.49 -2.94 -3.32
CA LEU E 23 -4.38 -2.51 -4.70
C LEU E 23 -5.73 -2.01 -5.18
N ASN E 24 -5.75 -0.76 -5.63
CA ASN E 24 -6.99 -0.09 -6.01
C ASN E 24 -7.05 0.25 -7.48
N CYS E 25 -8.20 -0.01 -8.10
CA CYS E 25 -8.48 0.48 -9.43
C CYS E 25 -9.76 1.29 -9.42
N TYR E 26 -9.62 2.61 -9.51
CA TYR E 26 -10.75 3.53 -9.46
C TYR E 26 -11.20 3.87 -10.87
N VAL E 27 -12.41 3.46 -11.23
CA VAL E 27 -12.95 3.67 -12.56
C VAL E 27 -14.09 4.67 -12.47
N SER E 28 -14.06 5.74 -13.28
CA SER E 28 -15.04 6.82 -13.17
C SER E 28 -15.32 7.57 -14.47
N GLY E 29 -16.31 8.46 -14.44
CA GLY E 29 -16.64 9.31 -15.57
C GLY E 29 -17.13 8.58 -16.81
N PHE E 30 -17.71 7.40 -16.62
CA PHE E 30 -18.16 6.59 -17.77
C PHE E 30 -19.68 6.38 -17.84
N HIS E 31 -20.15 6.08 -19.04
CA HIS E 31 -21.57 5.81 -19.31
C HIS E 31 -21.63 4.97 -20.59
N PRO E 32 -22.44 3.89 -20.60
CA PRO E 32 -23.34 3.29 -19.61
C PRO E 32 -22.59 2.59 -18.45
N PRO E 33 -23.32 1.99 -17.48
CA PRO E 33 -22.61 1.46 -16.30
C PRO E 33 -22.03 0.06 -16.46
N GLN E 34 -22.41 -0.66 -17.51
CA GLN E 34 -21.84 -1.99 -17.76
C GLN E 34 -20.34 -1.84 -18.01
N ILE E 35 -19.54 -2.45 -17.14
CA ILE E 35 -18.09 -2.34 -17.26
C ILE E 35 -17.42 -3.59 -16.72
N GLU E 36 -16.21 -3.88 -17.22
CA GLU E 36 -15.47 -5.08 -16.87
C GLU E 36 -14.09 -4.68 -16.39
N ILE E 37 -13.79 -5.00 -15.14
CA ILE E 37 -12.54 -4.58 -14.55
C ILE E 37 -11.78 -5.74 -13.88
N ASP E 38 -10.55 -5.96 -14.32
CA ASP E 38 -9.70 -6.99 -13.73
C ASP E 38 -8.39 -6.44 -13.19
N LEU E 39 -8.01 -6.90 -12.00
CA LEU E 39 -6.72 -6.56 -11.44
C LEU E 39 -5.76 -7.66 -11.86
N LEU E 40 -4.54 -7.29 -12.22
CA LEU E 40 -3.62 -8.23 -12.83
C LEU E 40 -2.33 -8.30 -12.03
N LYS E 41 -1.96 -9.52 -11.64
CA LYS E 41 -0.68 -9.76 -11.00
C LYS E 41 0.23 -10.45 -11.99
N ASN E 42 1.21 -9.70 -12.50
CA ASN E 42 2.12 -10.19 -13.54
C ASN E 42 1.39 -10.62 -14.81
N GLY E 43 0.20 -10.08 -15.03
CA GLY E 43 -0.57 -10.35 -16.23
C GLY E 43 -1.70 -11.35 -16.06
N GLU E 44 -1.95 -11.74 -14.81
CA GLU E 44 -2.97 -12.74 -14.51
C GLU E 44 -4.07 -12.11 -13.65
N LYS E 45 -5.32 -12.37 -13.99
CA LYS E 45 -6.44 -11.91 -13.18
C LYS E 45 -6.27 -12.44 -11.75
N MET E 46 -6.75 -11.67 -10.78
CA MET E 46 -6.67 -12.09 -9.39
C MET E 46 -8.08 -12.36 -8.85
N ASN E 47 -8.30 -12.08 -7.58
CA ASN E 47 -9.64 -12.18 -7.01
C ASN E 47 -9.94 -10.88 -6.28
N ALA E 48 -10.90 -10.13 -6.80
CA ALA E 48 -11.09 -8.75 -6.35
C ALA E 48 -12.56 -8.50 -6.07
N GLU E 49 -12.81 -7.53 -5.20
CA GLU E 49 -14.17 -7.13 -4.87
C GLU E 49 -14.37 -5.63 -5.12
N GLN E 50 -15.62 -5.23 -5.31
CA GLN E 50 -15.92 -3.85 -5.71
C GLN E 50 -16.92 -3.12 -4.83
N SER E 51 -16.95 -1.80 -4.97
CA SER E 51 -17.93 -0.96 -4.30
C SER E 51 -19.22 -0.96 -5.11
N ASP E 52 -20.28 -0.38 -4.54
CA ASP E 52 -21.58 -0.37 -5.20
C ASP E 52 -21.64 0.67 -6.33
N LEU E 53 -22.42 0.37 -7.37
CA LEU E 53 -22.57 1.27 -8.49
C LEU E 53 -23.13 2.63 -8.08
N SER E 54 -22.41 3.68 -8.44
CA SER E 54 -22.78 5.04 -8.05
C SER E 54 -22.62 5.99 -9.26
N PHE E 55 -23.21 7.18 -9.19
CA PHE E 55 -23.01 8.15 -10.27
C PHE E 55 -22.90 9.60 -9.78
N SER E 56 -22.18 10.42 -10.54
CA SER E 56 -21.92 11.81 -10.21
C SER E 56 -23.01 12.75 -10.71
N LYS E 57 -22.77 14.04 -10.56
CA LYS E 57 -23.74 15.07 -10.96
C LYS E 57 -23.93 15.10 -12.49
N ASP E 58 -22.88 14.75 -13.22
CA ASP E 58 -22.95 14.76 -14.69
C ASP E 58 -23.51 13.45 -15.25
N TRP E 59 -24.08 12.65 -14.35
CA TRP E 59 -24.72 11.37 -14.66
C TRP E 59 -23.75 10.23 -14.94
N SER E 60 -22.44 10.50 -14.89
CA SER E 60 -21.43 9.46 -15.15
C SER E 60 -21.18 8.56 -13.94
N PHE E 61 -20.81 7.30 -14.23
CA PHE E 61 -20.72 6.25 -13.22
C PHE E 61 -19.30 6.12 -12.67
N TYR E 62 -19.18 5.65 -11.44
CA TYR E 62 -17.87 5.46 -10.81
C TYR E 62 -17.82 4.27 -9.83
N LEU E 63 -16.73 3.52 -9.88
CA LEU E 63 -16.55 2.36 -9.00
C LEU E 63 -15.13 2.22 -8.51
N LEU E 64 -14.99 1.69 -7.30
CA LEU E 64 -13.69 1.30 -6.77
C LEU E 64 -13.58 -0.20 -6.75
N VAL E 65 -12.54 -0.72 -7.40
CA VAL E 65 -12.29 -2.15 -7.38
C VAL E 65 -10.98 -2.37 -6.65
N HIS E 66 -10.97 -3.27 -5.67
CA HIS E 66 -9.83 -3.39 -4.78
C HIS E 66 -9.61 -4.82 -4.30
N THR E 67 -8.36 -5.11 -3.94
CA THR E 67 -7.99 -6.38 -3.35
C THR E 67 -6.83 -6.20 -2.39
N GLU E 68 -6.65 -7.14 -1.48
CA GLU E 68 -5.50 -7.12 -0.60
C GLU E 68 -4.32 -7.67 -1.38
N PHE E 69 -3.14 -7.10 -1.17
CA PHE E 69 -1.94 -7.58 -1.81
C PHE E 69 -0.72 -7.18 -0.99
N THR E 70 0.40 -7.84 -1.23
CA THR E 70 1.63 -7.48 -0.54
C THR E 70 2.71 -7.19 -1.58
N PRO E 71 3.09 -5.90 -1.68
CA PRO E 71 4.02 -5.43 -2.71
C PRO E 71 5.43 -5.99 -2.54
N ASN E 72 6.18 -6.08 -3.63
CA ASN E 72 7.60 -6.42 -3.60
C ASN E 72 8.28 -5.82 -4.84
N ALA E 73 9.59 -5.99 -4.96
CA ALA E 73 10.30 -5.38 -6.09
C ALA E 73 10.15 -6.17 -7.39
N VAL E 74 9.52 -7.34 -7.30
CA VAL E 74 9.40 -8.24 -8.44
C VAL E 74 8.07 -8.05 -9.15
N ASP E 75 6.99 -8.10 -8.38
CA ASP E 75 5.65 -8.17 -8.95
C ASP E 75 5.17 -6.90 -9.65
N GLN E 76 4.61 -7.09 -10.83
CA GLN E 76 3.96 -6.02 -11.58
C GLN E 76 2.46 -6.15 -11.47
N TYR E 77 1.80 -5.08 -11.07
CA TYR E 77 0.35 -5.07 -10.98
C TYR E 77 -0.20 -4.04 -11.97
N SER E 78 -1.45 -4.23 -12.36
CA SER E 78 -2.09 -3.34 -13.31
C SER E 78 -3.59 -3.60 -13.31
N CYS E 79 -4.31 -2.74 -14.02
CA CYS E 79 -5.75 -2.84 -14.10
C CYS E 79 -6.18 -2.94 -15.55
N ARG E 80 -7.07 -3.88 -15.83
CA ARG E 80 -7.56 -4.08 -17.18
C ARG E 80 -9.05 -3.77 -17.22
N VAL E 81 -9.42 -2.84 -18.09
CA VAL E 81 -10.80 -2.35 -18.14
C VAL E 81 -11.42 -2.57 -19.50
N LYS E 82 -12.64 -3.10 -19.50
CA LYS E 82 -13.40 -3.28 -20.73
C LYS E 82 -14.72 -2.52 -20.65
N HIS E 83 -15.07 -1.85 -21.76
CA HIS E 83 -16.24 -0.99 -21.81
C HIS E 83 -16.60 -0.75 -23.28
N VAL E 84 -17.89 -0.52 -23.54
CA VAL E 84 -18.41 -0.41 -24.90
C VAL E 84 -17.75 0.70 -25.71
N THR E 85 -17.17 1.66 -25.01
CA THR E 85 -16.60 2.84 -25.63
C THR E 85 -15.13 2.61 -26.01
N LEU E 86 -14.60 1.46 -25.61
CA LEU E 86 -13.19 1.17 -25.82
C LEU E 86 -12.99 0.22 -27.00
N ASP E 87 -12.00 0.53 -27.83
CA ASP E 87 -11.59 -0.34 -28.94
C ASP E 87 -11.20 -1.71 -28.41
N LYS E 88 -10.16 -1.73 -27.59
CA LYS E 88 -9.66 -2.96 -26.96
C LYS E 88 -9.62 -2.75 -25.45
N PRO E 89 -9.36 -3.83 -24.69
CA PRO E 89 -9.21 -3.62 -23.24
C PRO E 89 -8.10 -2.62 -22.93
N LYS E 90 -8.32 -1.77 -21.95
CA LYS E 90 -7.36 -0.74 -21.57
C LYS E 90 -6.61 -1.15 -20.32
N ILE E 91 -5.31 -1.39 -20.46
CA ILE E 91 -4.47 -1.76 -19.33
C ILE E 91 -3.68 -0.56 -18.80
N VAL E 92 -3.77 -0.35 -17.49
CA VAL E 92 -3.04 0.73 -16.82
C VAL E 92 -2.14 0.15 -15.72
N LYS E 93 -0.83 0.25 -15.91
CA LYS E 93 0.13 -0.30 -14.96
C LYS E 93 0.08 0.43 -13.64
N TRP E 94 0.42 -0.26 -12.56
CA TRP E 94 0.52 0.37 -11.26
C TRP E 94 1.93 0.95 -11.09
N ASP E 95 1.99 2.22 -10.71
CA ASP E 95 3.26 2.87 -10.42
C ASP E 95 3.16 3.38 -8.99
N ARG E 96 4.01 2.86 -8.11
CA ARG E 96 3.92 3.20 -6.69
C ARG E 96 4.35 4.63 -6.40
N ASP E 97 4.69 5.36 -7.46
CA ASP E 97 5.06 6.76 -7.37
C ASP E 97 4.05 7.59 -8.14
N HIS E 98 3.53 6.99 -9.22
CA HIS E 98 2.59 7.60 -10.15
C HIS E 98 3.28 8.55 -11.14
N ALA F 1 -36.39 9.00 3.82
CA ALA F 1 -37.46 8.15 3.32
C ALA F 1 -37.78 8.42 1.85
N LEU F 2 -37.97 7.35 1.07
CA LEU F 2 -38.30 7.48 -0.34
C LEU F 2 -39.61 8.21 -0.62
N LEU F 3 -39.66 8.86 -1.79
CA LEU F 3 -40.89 9.36 -2.38
C LEU F 3 -41.48 8.24 -3.22
N ARG F 4 -42.79 8.00 -3.09
CA ARG F 4 -43.42 6.98 -3.91
C ARG F 4 -43.54 7.51 -5.32
N THR F 5 -43.39 6.62 -6.27
CA THR F 5 -43.63 6.95 -7.63
C THR F 5 -44.86 6.24 -8.22
N ALA F 6 -45.81 7.02 -8.71
CA ALA F 6 -46.99 6.43 -9.34
C ALA F 6 -47.35 6.94 -10.72
N THR F 7 -46.39 7.36 -11.53
CA THR F 7 -46.67 7.66 -12.90
C THR F 7 -45.75 6.93 -13.78
N TYR F 8 -45.82 7.22 -15.05
CA TYR F 8 -45.03 6.58 -16.01
C TYR F 8 -44.56 7.76 -16.84
N TYR F 9 -43.40 7.65 -17.48
CA TYR F 9 -42.84 8.67 -18.35
C TYR F 9 -43.65 8.70 -19.65
#